data_3U0P
#
_entry.id   3U0P
#
_cell.length_a   108.609
_cell.length_b   127.189
_cell.length_c   332.641
_cell.angle_alpha   90.00
_cell.angle_beta   90.00
_cell.angle_gamma   90.00
#
_symmetry.space_group_name_H-M   'I 2 2 2'
#
loop_
_entity.id
_entity.type
_entity.pdbx_description
1 polymer 'Antigen-presenting glycoprotein CD1d'
2 polymer Beta-2-microglobulin
3 branched alpha-L-fucopyranose-(1-3)-[2-acetamido-2-deoxy-beta-D-glucopyranose-(1-4)][alpha-L-fucopyranose-(1-6)]2-acetamido-2-deoxy-beta-D-glucopyranose
4 branched alpha-L-fucopyranose-(1-3)-[alpha-L-fucopyranose-(1-6)]2-acetamido-2-deoxy-beta-D-glucopyranose
5 branched alpha-L-fucopyranose-(1-6)-2-acetamido-2-deoxy-beta-D-glucopyranose
6 non-polymer '(4R,7R,18E)-4,7-dihydroxy-N,N,N-trimethyl-10-oxo-3,5,9-trioxa-4-phosphaheptacos-18-en-1-aminium 4-oxide'
7 non-polymer HEXANE
8 non-polymer 'SULFATE ION'
9 non-polymer GLYCEROL
10 non-polymer UNDECANE
11 non-polymer N-BUTANE
12 water water
#
loop_
_entity_poly.entity_id
_entity_poly.type
_entity_poly.pdbx_seq_one_letter_code
_entity_poly.pdbx_strand_id
1 'polypeptide(L)'
;ADPVPQRLFPLRCLQISSFANSSWTRTDGLAWLGELQTHSWSQDSDTVRSLKPWSQGTFSDQQWETLQHIFRVYRSSFTR
DVKEFAKMLRLSYPLELQVSAGCEVHPGQASNNFFHVAFQGKDILSFQGTSWEPTQEAPLWVNLAIQVLNQDKWTRETVQ
WLLQGTCPQFVSGLLESGKSELKKQVKPKAWLSRGPSPGPGRLLLVCHVSGFYPKPVWVKWMRGEQEQQGTQPGDILPNA
DETWYLRATLDVVAGEAAGLSCRVKHSSLEGQDIVLYWHHHHHH
;
A,C,E
2 'polypeptide(L)'
;ADPIQRTPKIQVYSRHPAENGKSNFLNCYVSGFHPSDIEVDLLKNGERIEKVEHSDLSFSKDWSFYLLYYTEFTPTEKDE
YACRVNHVTLSQPKIVKWDRDM
;
B,D,F
#
loop_
_chem_comp.id
_chem_comp.type
_chem_comp.name
_chem_comp.formula
FUC L-saccharide, alpha linking alpha-L-fucopyranose 'C6 H12 O5'
GOL non-polymer GLYCEROL 'C3 H8 O3'
HEX non-polymer HEXANE 'C6 H14'
LSC non-polymer '(4R,7R,18E)-4,7-dihydroxy-N,N,N-trimethyl-10-oxo-3,5,9-trioxa-4-phosphaheptacos-18-en-1-aminium 4-oxide' 'C26 H53 N O7 P 1'
NAG D-saccharide, beta linking 2-acetamido-2-deoxy-beta-D-glucopyranose 'C8 H15 N O6'
NBU non-polymer N-BUTANE 'C4 H10'
SO4 non-polymer 'SULFATE ION' 'O4 S -2'
UND non-polymer UNDECANE 'C11 H24'
#
# COMPACT_ATOMS: atom_id res chain seq x y z
N ARG A 7 5.79 18.48 16.06
CA ARG A 7 4.94 17.60 15.27
C ARG A 7 5.00 16.17 15.79
N LEU A 8 5.46 15.25 14.95
CA LEU A 8 5.68 13.86 15.37
C LEU A 8 7.15 13.61 15.69
N PHE A 9 7.40 12.76 16.68
CA PHE A 9 8.75 12.45 17.11
C PHE A 9 9.03 10.95 17.16
N PRO A 10 9.19 10.32 15.98
CA PRO A 10 9.42 8.88 15.90
C PRO A 10 10.74 8.46 16.55
N LEU A 11 10.78 7.25 17.08
CA LEU A 11 12.03 6.66 17.52
C LEU A 11 12.61 5.84 16.37
N ARG A 12 13.75 6.28 15.85
CA ARG A 12 14.42 5.55 14.78
C ARG A 12 15.69 4.89 15.32
N CYS A 13 15.68 3.57 15.40
CA CYS A 13 16.86 2.82 15.83
C CYS A 13 17.64 2.34 14.60
N LEU A 14 18.86 2.84 14.47
CA LEU A 14 19.68 2.53 13.31
C LEU A 14 20.79 1.55 13.66
N GLN A 15 21.07 0.62 12.76
CA GLN A 15 22.16 -0.31 12.92
C GLN A 15 22.95 -0.45 11.62
N ILE A 16 24.26 -0.39 11.74
CA ILE A 16 25.16 -0.52 10.60
C ILE A 16 26.14 -1.66 10.81
N SER A 17 25.88 -2.79 10.16
CA SER A 17 26.74 -3.96 10.28
C SER A 17 27.54 -4.17 8.99
N SER A 18 28.85 -4.07 9.08
CA SER A 18 29.71 -4.24 7.91
C SER A 18 30.57 -5.48 7.97
N PHE A 19 30.34 -6.39 7.02
CA PHE A 19 31.13 -7.60 6.89
C PHE A 19 32.09 -7.46 5.72
N ALA A 20 33.39 -7.36 6.03
CA ALA A 20 34.41 -7.24 4.99
C ALA A 20 34.78 -8.63 4.50
N ASN A 21 34.96 -9.54 5.44
CA ASN A 21 35.18 -10.95 5.16
C ASN A 21 34.46 -11.81 6.20
N SER A 22 34.73 -13.10 6.22
CA SER A 22 34.08 -13.98 7.18
C SER A 22 34.58 -13.73 8.60
N SER A 23 35.73 -13.09 8.71
CA SER A 23 36.40 -12.91 10.00
C SER A 23 36.27 -11.50 10.54
N TRP A 24 36.19 -10.52 9.65
CA TRP A 24 36.13 -9.13 10.07
C TRP A 24 34.72 -8.56 9.90
N THR A 25 34.14 -8.07 11.00
CA THR A 25 32.83 -7.45 10.96
C THR A 25 32.78 -6.32 11.98
N ARG A 26 31.96 -5.32 11.67
CA ARG A 26 31.78 -4.19 12.56
C ARG A 26 30.30 -3.85 12.67
N THR A 27 29.81 -3.70 13.89
CA THR A 27 28.41 -3.33 14.09
C THR A 27 28.27 -2.12 15.00
N ASP A 28 27.63 -1.08 14.48
CA ASP A 28 27.39 0.14 15.23
C ASP A 28 25.93 0.53 15.13
N GLY A 29 25.44 1.23 16.14
CA GLY A 29 24.06 1.66 16.13
C GLY A 29 23.89 3.03 16.77
N LEU A 30 22.78 3.69 16.43
CA LEU A 30 22.39 4.92 17.07
C LEU A 30 20.87 4.94 17.16
N ALA A 31 20.34 5.81 18.01
CA ALA A 31 18.91 6.02 18.08
C ALA A 31 18.61 7.50 17.90
N TRP A 32 17.62 7.80 17.07
CA TRP A 32 17.16 9.18 16.90
C TRP A 32 15.74 9.29 17.41
N LEU A 33 15.47 10.31 18.21
CA LEU A 33 14.11 10.64 18.61
C LEU A 33 13.75 11.96 17.93
N GLY A 34 12.89 11.90 16.94
CA GLY A 34 12.69 13.04 16.07
C GLY A 34 14.00 13.28 15.34
N GLU A 35 14.47 14.52 15.33
CA GLU A 35 15.74 14.83 14.69
C GLU A 35 16.94 14.81 15.65
N LEU A 36 16.66 14.56 16.94
CA LEU A 36 17.69 14.55 17.97
C LEU A 36 18.26 13.14 18.17
N GLN A 37 19.58 13.00 18.11
CA GLN A 37 20.22 11.71 18.38
C GLN A 37 20.31 11.47 19.88
N THR A 38 19.63 10.43 20.36
CA THR A 38 19.55 10.14 21.78
C THR A 38 20.48 9.02 22.25
N HIS A 39 20.97 8.21 21.33
CA HIS A 39 21.72 7.03 21.72
C HIS A 39 22.85 6.67 20.76
N SER A 40 23.95 6.15 21.32
CA SER A 40 25.08 5.69 20.53
C SER A 40 25.53 4.31 20.98
N TRP A 41 25.78 3.44 20.02
CA TRP A 41 26.19 2.07 20.27
C TRP A 41 27.40 1.73 19.41
N SER A 42 28.58 1.75 20.01
CA SER A 42 29.81 1.41 19.30
C SER A 42 30.16 -0.04 19.54
N GLN A 43 30.96 -0.63 18.66
CA GLN A 43 31.41 -2.01 18.87
C GLN A 43 32.70 -2.06 19.68
N ASP A 44 33.35 -0.90 19.82
CA ASP A 44 34.51 -0.79 20.68
C ASP A 44 34.04 -0.52 22.10
N SER A 45 32.77 -0.82 22.35
CA SER A 45 32.15 -0.70 23.65
C SER A 45 30.99 -1.67 23.73
N ASP A 46 30.90 -2.41 24.84
CA ASP A 46 29.77 -3.29 25.04
C ASP A 46 28.70 -2.54 25.82
N THR A 47 28.58 -1.25 25.54
CA THR A 47 27.58 -0.41 26.19
C THR A 47 26.88 0.54 25.22
N VAL A 48 25.64 0.87 25.54
CA VAL A 48 24.86 1.81 24.76
C VAL A 48 24.90 3.18 25.44
N ARG A 49 25.60 4.12 24.82
CA ARG A 49 25.82 5.43 25.40
C ARG A 49 24.62 6.36 25.22
N SER A 50 24.11 6.90 26.32
CA SER A 50 23.05 7.90 26.26
C SER A 50 23.65 9.27 25.97
N LEU A 51 23.01 10.02 25.07
CA LEU A 51 23.57 11.30 24.62
C LEU A 51 22.89 12.50 25.24
N LYS A 52 21.73 12.29 25.85
CA LYS A 52 21.01 13.35 26.54
C LYS A 52 20.60 12.90 27.93
N PRO A 53 20.53 13.83 28.89
CA PRO A 53 20.21 13.44 30.25
C PRO A 53 18.89 12.68 30.35
N TRP A 54 17.97 12.96 29.44
CA TRP A 54 16.67 12.29 29.43
C TRP A 54 16.69 11.04 28.55
N SER A 55 17.88 10.62 28.14
CA SER A 55 18.03 9.52 27.18
C SER A 55 17.53 8.17 27.68
N GLN A 56 17.52 7.98 28.99
CA GLN A 56 17.14 6.68 29.55
C GLN A 56 15.63 6.59 29.74
N GLY A 57 14.91 7.65 29.40
CA GLY A 57 13.48 7.69 29.59
C GLY A 57 13.11 7.33 31.01
N THR A 58 11.92 6.75 31.17
CA THR A 58 11.45 6.35 32.49
C THR A 58 11.74 4.87 32.74
N PHE A 59 13.02 4.51 32.62
CA PHE A 59 13.45 3.13 32.80
C PHE A 59 14.48 3.02 33.91
N SER A 60 14.30 2.02 34.78
CA SER A 60 15.26 1.76 35.84
C SER A 60 16.61 1.37 35.25
N ASP A 61 17.63 1.28 36.11
CA ASP A 61 18.94 0.85 35.68
C ASP A 61 18.96 -0.67 35.54
N GLN A 62 18.22 -1.34 36.40
CA GLN A 62 17.99 -2.77 36.28
C GLN A 62 17.45 -3.06 34.89
N GLN A 63 16.30 -2.48 34.59
CA GLN A 63 15.69 -2.56 33.27
C GLN A 63 16.71 -2.20 32.18
N TRP A 64 17.34 -1.04 32.35
CA TRP A 64 18.29 -0.54 31.37
C TRP A 64 19.50 -1.46 31.23
N GLU A 65 20.01 -1.95 32.36
CA GLU A 65 21.21 -2.76 32.36
C GLU A 65 21.01 -4.12 31.68
N THR A 66 19.77 -4.59 31.66
CA THR A 66 19.44 -5.83 30.96
C THR A 66 19.47 -5.58 29.46
N LEU A 67 18.78 -4.53 29.03
CA LEU A 67 18.82 -4.09 27.64
C LEU A 67 20.26 -4.05 27.16
N GLN A 68 21.15 -3.62 28.04
CA GLN A 68 22.58 -3.60 27.74
C GLN A 68 23.05 -4.99 27.33
N HIS A 69 22.69 -5.99 28.13
CA HIS A 69 23.12 -7.36 27.87
C HIS A 69 22.40 -7.97 26.68
N ILE A 70 21.10 -7.69 26.56
CA ILE A 70 20.31 -8.26 25.46
C ILE A 70 20.82 -7.80 24.09
N PHE A 71 21.36 -6.58 24.05
CA PHE A 71 21.91 -6.04 22.81
C PHE A 71 23.19 -6.76 22.39
N ARG A 72 24.05 -7.06 23.35
CA ARG A 72 25.29 -7.77 23.06
C ARG A 72 24.99 -9.14 22.48
N VAL A 73 24.07 -9.87 23.09
CA VAL A 73 23.64 -11.14 22.55
C VAL A 73 23.06 -10.97 21.15
N TYR A 74 22.24 -9.93 20.98
CA TYR A 74 21.69 -9.64 19.66
C TYR A 74 22.80 -9.38 18.63
N ARG A 75 23.72 -8.51 18.96
CA ARG A 75 24.79 -8.14 18.03
C ARG A 75 25.56 -9.36 17.53
N SER A 76 25.82 -10.30 18.43
CA SER A 76 26.61 -11.49 18.06
C SER A 76 25.76 -12.51 17.31
N SER A 77 24.52 -12.69 17.74
CA SER A 77 23.60 -13.59 17.06
C SER A 77 23.40 -13.15 15.62
N PHE A 78 22.99 -11.89 15.46
CA PHE A 78 22.83 -11.27 14.16
C PHE A 78 24.07 -11.52 13.29
N THR A 79 25.24 -11.32 13.87
CA THR A 79 26.49 -11.42 13.13
C THR A 79 26.76 -12.83 12.58
N ARG A 80 26.62 -13.84 13.42
CA ARG A 80 26.85 -15.22 12.98
C ARG A 80 25.74 -15.67 12.04
N ASP A 81 24.51 -15.25 12.33
CA ASP A 81 23.38 -15.57 11.46
C ASP A 81 23.60 -15.04 10.05
N VAL A 82 24.14 -13.83 9.95
CA VAL A 82 24.42 -13.22 8.65
C VAL A 82 25.45 -14.02 7.88
N LYS A 83 26.59 -14.28 8.52
CA LYS A 83 27.67 -15.04 7.88
C LYS A 83 27.13 -16.38 7.40
N GLU A 84 26.17 -16.92 8.14
CA GLU A 84 25.62 -18.23 7.82
C GLU A 84 24.70 -18.15 6.60
N PHE A 85 23.86 -17.12 6.56
CA PHE A 85 23.04 -16.87 5.38
C PHE A 85 23.93 -16.64 4.17
N ALA A 86 25.02 -15.92 4.38
CA ALA A 86 25.97 -15.63 3.31
C ALA A 86 26.51 -16.91 2.70
N LYS A 87 26.83 -17.88 3.55
CA LYS A 87 27.37 -19.16 3.09
C LYS A 87 26.31 -20.04 2.44
N MET A 88 25.11 -20.07 3.02
CA MET A 88 24.02 -20.84 2.45
C MET A 88 23.62 -20.30 1.06
N LEU A 89 23.38 -19.00 0.99
CA LEU A 89 22.88 -18.38 -0.22
C LEU A 89 24.00 -17.95 -1.18
N ARG A 90 25.23 -18.31 -0.83
CA ARG A 90 26.38 -18.00 -1.68
C ARG A 90 26.51 -16.51 -1.97
N LEU A 91 26.27 -15.68 -0.95
CA LEU A 91 26.40 -14.24 -1.09
C LEU A 91 27.85 -13.82 -0.89
N SER A 92 28.36 -13.00 -1.81
CA SER A 92 29.77 -12.63 -1.81
C SER A 92 30.07 -11.41 -0.94
N TYR A 93 31.15 -11.50 -0.17
CA TYR A 93 31.60 -10.39 0.66
C TYR A 93 32.25 -9.30 -0.20
N PRO A 94 32.27 -8.07 0.32
CA PRO A 94 31.76 -7.70 1.65
C PRO A 94 30.26 -7.40 1.67
N LEU A 95 29.66 -7.46 2.86
CA LEU A 95 28.23 -7.27 3.01
C LEU A 95 27.92 -6.00 3.79
N GLU A 96 26.89 -5.27 3.35
CA GLU A 96 26.44 -4.08 4.05
C GLU A 96 24.98 -4.22 4.49
N LEU A 97 24.80 -4.69 5.72
CA LEU A 97 23.46 -4.81 6.29
C LEU A 97 23.11 -3.60 7.13
N GLN A 98 21.89 -3.09 6.93
CA GLN A 98 21.39 -1.97 7.71
C GLN A 98 20.00 -2.29 8.24
N VAL A 99 19.71 -1.81 9.44
CA VAL A 99 18.38 -2.02 10.01
C VAL A 99 17.85 -0.70 10.54
N SER A 100 16.62 -0.38 10.13
CA SER A 100 15.93 0.79 10.64
C SER A 100 14.66 0.33 11.32
N ALA A 101 14.62 0.42 12.65
CA ALA A 101 13.49 -0.07 13.41
C ALA A 101 13.12 0.89 14.51
N GLY A 102 11.84 0.95 14.84
CA GLY A 102 11.37 1.80 15.92
C GLY A 102 9.86 1.98 15.86
N CYS A 103 9.39 3.08 16.44
CA CYS A 103 7.97 3.38 16.46
C CYS A 103 7.76 4.87 16.68
N GLU A 104 6.52 5.32 16.59
CA GLU A 104 6.15 6.67 16.96
C GLU A 104 4.82 6.66 17.69
N VAL A 105 4.74 7.41 18.79
CA VAL A 105 3.53 7.46 19.59
C VAL A 105 2.58 8.54 19.08
N HIS A 106 1.30 8.22 19.03
CA HIS A 106 0.30 9.19 18.58
C HIS A 106 -0.54 9.67 19.76
N PRO A 107 -0.66 11.00 19.90
CA PRO A 107 -1.55 11.59 20.91
C PRO A 107 -3.00 11.44 20.46
N GLY A 108 -3.75 10.58 21.13
CA GLY A 108 -3.21 9.77 22.21
C GLY A 108 -3.77 8.35 22.18
N GLN A 109 -4.18 7.92 20.99
CA GLN A 109 -4.78 6.60 20.85
C GLN A 109 -3.78 5.53 20.42
N ALA A 110 -3.56 5.41 19.11
CA ALA A 110 -2.79 4.30 18.55
C ALA A 110 -1.28 4.45 18.69
N SER A 111 -0.56 3.60 17.96
CA SER A 111 0.89 3.60 17.94
C SER A 111 1.37 2.76 16.76
N ASN A 112 2.09 3.38 15.83
CA ASN A 112 2.59 2.66 14.67
C ASN A 112 4.06 2.34 14.80
N ASN A 113 4.50 1.26 14.17
CA ASN A 113 5.88 0.81 14.27
C ASN A 113 6.45 0.33 12.93
N PHE A 114 7.72 -0.05 12.94
CA PHE A 114 8.40 -0.44 11.71
C PHE A 114 9.74 -1.09 11.99
N PHE A 115 10.10 -2.05 11.14
CA PHE A 115 11.38 -2.73 11.23
C PHE A 115 11.85 -3.06 9.82
N HIS A 116 12.73 -2.23 9.27
CA HIS A 116 13.21 -2.42 7.91
C HIS A 116 14.66 -2.82 7.91
N VAL A 117 15.02 -3.76 7.03
CA VAL A 117 16.42 -4.15 6.87
C VAL A 117 16.80 -4.04 5.42
N ALA A 118 18.04 -3.62 5.19
CA ALA A 118 18.53 -3.43 3.83
C ALA A 118 19.82 -4.19 3.62
N PHE A 119 20.00 -4.68 2.40
CA PHE A 119 21.23 -5.37 2.01
C PHE A 119 21.90 -4.58 0.91
N GLN A 120 23.20 -4.32 1.06
CA GLN A 120 23.94 -3.55 0.08
C GLN A 120 23.23 -2.23 -0.26
N GLY A 121 22.53 -1.66 0.71
CA GLY A 121 21.91 -0.36 0.51
C GLY A 121 20.55 -0.40 -0.17
N LYS A 122 20.03 -1.60 -0.40
CA LYS A 122 18.71 -1.75 -0.99
C LYS A 122 17.79 -2.52 -0.05
N ASP A 123 16.54 -2.08 0.07
CA ASP A 123 15.56 -2.82 0.87
C ASP A 123 15.47 -4.28 0.43
N ILE A 124 15.33 -5.18 1.40
CA ILE A 124 15.09 -6.59 1.07
C ILE A 124 13.90 -7.17 1.84
N LEU A 125 13.76 -6.78 3.10
CA LEU A 125 12.67 -7.32 3.91
C LEU A 125 12.34 -6.46 5.13
N SER A 126 11.16 -6.68 5.69
CA SER A 126 10.69 -5.93 6.84
C SER A 126 9.75 -6.78 7.68
N PHE A 127 9.55 -6.38 8.93
CA PHE A 127 8.62 -7.08 9.80
C PHE A 127 7.26 -6.41 9.69
N GLN A 128 6.34 -7.07 8.99
CA GLN A 128 5.01 -6.51 8.80
C GLN A 128 4.01 -6.91 9.88
N GLY A 129 3.54 -8.14 9.80
CA GLY A 129 2.57 -8.63 10.76
C GLY A 129 2.86 -10.03 11.25
N THR A 130 3.32 -10.13 12.49
CA THR A 130 3.64 -11.41 13.10
C THR A 130 4.62 -12.23 12.28
N SER A 131 5.31 -11.59 11.34
CA SER A 131 6.29 -12.30 10.51
C SER A 131 7.05 -11.38 9.56
N TRP A 132 8.06 -11.94 8.89
CA TRP A 132 8.90 -11.20 7.97
C TRP A 132 8.33 -11.26 6.56
N GLU A 133 8.33 -10.12 5.88
CA GLU A 133 7.93 -10.06 4.48
C GLU A 133 9.08 -9.51 3.64
N PRO A 134 9.24 -10.02 2.42
CA PRO A 134 10.24 -9.47 1.50
C PRO A 134 9.67 -8.23 0.82
N THR A 135 10.54 -7.32 0.38
CA THR A 135 10.08 -6.20 -0.42
C THR A 135 9.84 -6.69 -1.85
N GLN A 136 8.97 -6.00 -2.57
CA GLN A 136 8.53 -6.48 -3.89
C GLN A 136 9.66 -6.67 -4.91
N GLU A 137 10.67 -5.82 -4.85
CA GLU A 137 11.80 -5.92 -5.79
C GLU A 137 12.66 -7.15 -5.49
N ALA A 138 12.70 -7.53 -4.22
CA ALA A 138 13.64 -8.52 -3.70
C ALA A 138 13.99 -9.67 -4.65
N PRO A 139 15.30 -9.89 -4.86
CA PRO A 139 15.79 -11.07 -5.58
C PRO A 139 15.38 -12.31 -4.81
N LEU A 140 15.34 -13.46 -5.47
CA LEU A 140 14.68 -14.63 -4.90
C LEU A 140 15.38 -15.26 -3.70
N TRP A 141 16.68 -15.02 -3.54
CA TRP A 141 17.39 -15.56 -2.37
C TRP A 141 16.82 -14.98 -1.08
N VAL A 142 16.33 -13.75 -1.15
CA VAL A 142 15.70 -13.11 0.00
C VAL A 142 14.45 -13.87 0.42
N ASN A 143 13.79 -14.49 -0.55
CA ASN A 143 12.61 -15.30 -0.27
C ASN A 143 12.96 -16.58 0.48
N LEU A 144 14.10 -17.17 0.14
CA LEU A 144 14.59 -18.32 0.88
C LEU A 144 14.92 -17.91 2.30
N ALA A 145 15.52 -16.73 2.44
CA ALA A 145 15.84 -16.18 3.75
C ALA A 145 14.59 -15.97 4.59
N ILE A 146 13.53 -15.49 3.94
CA ILE A 146 12.27 -15.27 4.64
C ILE A 146 11.70 -16.57 5.20
N GLN A 147 11.78 -17.63 4.40
CA GLN A 147 11.30 -18.94 4.84
C GLN A 147 12.02 -19.41 6.09
N VAL A 148 13.34 -19.27 6.09
CA VAL A 148 14.13 -19.60 7.27
C VAL A 148 13.72 -18.72 8.44
N LEU A 149 13.82 -17.41 8.26
CA LEU A 149 13.47 -16.45 9.31
C LEU A 149 12.12 -16.76 9.95
N ASN A 150 11.09 -16.92 9.13
CA ASN A 150 9.74 -17.12 9.63
C ASN A 150 9.52 -18.43 10.37
N GLN A 151 10.49 -19.33 10.29
CA GLN A 151 10.48 -20.56 11.08
C GLN A 151 10.66 -20.23 12.56
N ASP A 152 11.54 -19.27 12.83
CA ASP A 152 11.87 -18.88 14.19
C ASP A 152 10.72 -18.11 14.86
N LYS A 153 9.73 -18.85 15.35
CA LYS A 153 8.58 -18.24 15.99
C LYS A 153 8.97 -17.46 17.25
N TRP A 154 10.04 -17.90 17.91
CA TRP A 154 10.52 -17.23 19.11
C TRP A 154 10.93 -15.80 18.79
N THR A 155 11.85 -15.66 17.83
CA THR A 155 12.34 -14.35 17.41
C THR A 155 11.20 -13.45 16.97
N ARG A 156 10.29 -14.01 16.16
CA ARG A 156 9.12 -13.27 15.70
C ARG A 156 8.38 -12.61 16.85
N GLU A 157 7.85 -13.44 17.75
CA GLU A 157 7.12 -12.96 18.92
C GLU A 157 7.93 -11.93 19.70
N THR A 158 9.25 -12.14 19.78
CA THR A 158 10.14 -11.20 20.44
C THR A 158 10.10 -9.84 19.73
N VAL A 159 10.41 -9.85 18.43
CA VAL A 159 10.38 -8.64 17.64
C VAL A 159 9.01 -7.97 17.70
N GLN A 160 7.95 -8.77 17.60
CA GLN A 160 6.60 -8.23 17.64
C GLN A 160 6.34 -7.57 18.99
N TRP A 161 6.90 -8.15 20.04
CA TRP A 161 6.72 -7.62 21.39
C TRP A 161 7.46 -6.29 21.55
N LEU A 162 8.72 -6.26 21.17
CA LEU A 162 9.52 -5.04 21.23
C LEU A 162 8.82 -3.90 20.51
N LEU A 163 8.37 -4.17 19.29
CA LEU A 163 7.73 -3.15 18.45
C LEU A 163 6.39 -2.69 19.01
N GLN A 164 5.50 -3.64 19.30
CA GLN A 164 4.15 -3.32 19.73
C GLN A 164 4.05 -2.93 21.20
N GLY A 165 5.03 -3.32 22.00
CA GLY A 165 4.97 -3.10 23.44
C GLY A 165 6.08 -2.23 24.00
N THR A 166 7.29 -2.77 24.03
CA THR A 166 8.44 -2.07 24.61
C THR A 166 8.62 -0.68 24.04
N CYS A 167 8.78 -0.61 22.72
CA CYS A 167 9.09 0.66 22.05
C CYS A 167 8.14 1.79 22.43
N PRO A 168 6.83 1.59 22.22
CA PRO A 168 5.83 2.61 22.56
C PRO A 168 5.99 3.05 24.01
N GLN A 169 6.12 2.08 24.90
CA GLN A 169 6.28 2.34 26.33
C GLN A 169 7.55 3.16 26.57
N PHE A 170 8.65 2.74 25.94
CA PHE A 170 9.91 3.46 26.04
C PHE A 170 9.77 4.90 25.56
N VAL A 171 9.37 5.05 24.29
CA VAL A 171 9.21 6.37 23.68
C VAL A 171 8.38 7.32 24.54
N SER A 172 7.22 6.86 24.98
CA SER A 172 6.37 7.68 25.84
C SER A 172 7.19 8.29 26.96
N GLY A 173 8.04 7.49 27.57
CA GLY A 173 8.93 7.97 28.61
C GLY A 173 9.84 9.06 28.08
N LEU A 174 10.54 8.77 26.99
CA LEU A 174 11.44 9.74 26.38
C LEU A 174 10.72 11.07 26.13
N LEU A 175 9.54 10.99 25.54
CA LEU A 175 8.76 12.19 25.23
C LEU A 175 8.44 13.01 26.47
N GLU A 176 8.02 12.33 27.53
CA GLU A 176 7.73 13.01 28.79
C GLU A 176 8.96 13.75 29.29
N SER A 177 10.10 13.06 29.31
CA SER A 177 11.32 13.59 29.89
C SER A 177 12.02 14.63 28.99
N GLY A 178 11.92 14.45 27.67
CA GLY A 178 12.64 15.29 26.75
C GLY A 178 11.79 16.29 25.98
N LYS A 179 10.48 16.25 26.20
CA LYS A 179 9.56 17.16 25.52
C LYS A 179 10.13 18.56 25.40
N SER A 180 10.62 19.08 26.53
CA SER A 180 11.14 20.44 26.60
C SER A 180 12.24 20.72 25.57
N GLU A 181 13.11 19.75 25.33
CA GLU A 181 14.20 19.92 24.39
C GLU A 181 13.71 19.69 22.95
N LEU A 182 12.80 18.74 22.78
CA LEU A 182 12.21 18.47 21.46
C LEU A 182 11.44 19.68 20.94
N LYS A 183 10.67 20.30 21.82
CA LYS A 183 9.75 21.38 21.43
C LYS A 183 10.43 22.74 21.31
N LYS A 184 11.72 22.80 21.61
CA LYS A 184 12.44 24.06 21.58
C LYS A 184 12.45 24.68 20.20
N GLN A 185 12.46 26.01 20.16
CA GLN A 185 12.57 26.74 18.91
C GLN A 185 13.83 27.60 18.96
N VAL A 186 14.64 27.55 17.91
CA VAL A 186 15.84 28.36 17.83
C VAL A 186 15.82 29.25 16.60
N LYS A 187 15.82 30.55 16.80
CA LYS A 187 15.77 31.50 15.69
C LYS A 187 17.05 31.47 14.87
N PRO A 188 16.90 31.45 13.53
CA PRO A 188 18.05 31.47 12.63
C PRO A 188 18.58 32.88 12.41
N LYS A 189 19.78 32.97 11.87
CA LYS A 189 20.32 34.23 11.37
C LYS A 189 20.68 34.04 9.91
N ALA A 190 20.56 35.12 9.12
CA ALA A 190 20.79 35.02 7.69
C ALA A 190 21.76 36.08 7.19
N TRP A 191 22.52 35.73 6.17
CA TRP A 191 23.42 36.69 5.54
C TRP A 191 23.48 36.52 4.02
N LEU A 192 23.84 37.59 3.32
CA LEU A 192 23.94 37.56 1.87
C LEU A 192 25.39 37.54 1.41
N SER A 193 25.61 37.08 0.18
CA SER A 193 26.95 37.05 -0.39
C SER A 193 26.86 36.87 -1.90
N ARG A 194 27.98 37.17 -2.57
CA ARG A 194 28.05 37.08 -4.02
C ARG A 194 28.76 35.78 -4.43
N GLY A 195 28.07 34.93 -5.18
CA GLY A 195 28.64 33.65 -5.58
C GLY A 195 29.53 33.72 -6.81
N PRO A 196 30.04 32.56 -7.24
CA PRO A 196 30.85 32.50 -8.46
C PRO A 196 30.04 32.92 -9.70
N SER A 197 30.62 33.81 -10.50
CA SER A 197 29.94 34.37 -11.66
C SER A 197 29.47 33.29 -12.64
N PRO A 198 28.16 33.17 -12.81
CA PRO A 198 27.61 32.31 -13.87
C PRO A 198 27.77 32.97 -15.23
N GLY A 199 28.06 34.27 -15.22
CA GLY A 199 28.22 35.04 -16.44
C GLY A 199 29.63 34.94 -17.00
N PRO A 200 30.19 36.08 -17.42
CA PRO A 200 29.56 37.40 -17.29
C PRO A 200 28.53 37.63 -18.40
N GLY A 201 27.76 38.70 -18.27
CA GLY A 201 27.88 39.59 -17.11
C GLY A 201 26.76 39.34 -16.13
N ARG A 202 26.90 38.30 -15.31
CA ARG A 202 25.84 37.90 -14.40
C ARG A 202 26.30 37.90 -12.95
N LEU A 203 25.33 37.70 -12.05
CA LEU A 203 25.61 37.55 -10.63
C LEU A 203 24.93 36.30 -10.10
N LEU A 204 25.57 35.64 -9.14
CA LEU A 204 24.90 34.56 -8.42
C LEU A 204 24.58 35.03 -7.02
N LEU A 205 23.32 35.43 -6.82
CA LEU A 205 22.87 35.92 -5.53
C LEU A 205 22.71 34.75 -4.56
N VAL A 206 23.49 34.75 -3.49
CA VAL A 206 23.44 33.66 -2.53
C VAL A 206 22.90 34.13 -1.19
N CYS A 207 21.96 33.36 -0.64
CA CYS A 207 21.37 33.67 0.65
C CYS A 207 21.71 32.57 1.67
N HIS A 208 22.26 32.97 2.82
CA HIS A 208 22.63 32.03 3.86
C HIS A 208 21.68 32.10 5.06
N VAL A 209 21.15 30.95 5.46
CA VAL A 209 20.30 30.86 6.64
C VAL A 209 20.83 29.75 7.54
N SER A 210 21.27 30.12 8.75
CA SER A 210 21.89 29.13 9.64
C SER A 210 21.48 29.30 11.10
N GLY A 211 21.40 28.17 11.79
CA GLY A 211 21.16 28.15 13.23
C GLY A 211 19.71 27.96 13.62
N PHE A 212 18.89 27.40 12.74
CA PHE A 212 17.47 27.25 13.01
C PHE A 212 17.08 25.85 13.48
N TYR A 213 16.08 25.79 14.36
CA TYR A 213 15.53 24.54 14.85
C TYR A 213 14.07 24.74 15.27
N PRO A 214 13.20 23.77 14.92
CA PRO A 214 13.53 22.54 14.20
C PRO A 214 13.78 22.76 12.70
N LYS A 215 13.62 21.69 11.92
CA LYS A 215 14.15 21.64 10.56
C LYS A 215 13.33 22.39 9.49
N PRO A 216 12.01 22.16 9.44
CA PRO A 216 11.21 22.81 8.39
C PRO A 216 11.47 24.32 8.28
N VAL A 217 11.95 24.75 7.12
CA VAL A 217 12.20 26.17 6.87
C VAL A 217 11.69 26.58 5.50
N TRP A 218 11.64 27.89 5.25
CA TRP A 218 11.21 28.43 3.96
C TRP A 218 12.14 29.57 3.56
N VAL A 219 12.77 29.44 2.40
CA VAL A 219 13.72 30.45 1.92
C VAL A 219 13.58 30.67 0.42
N LYS A 220 13.16 31.87 0.05
CA LYS A 220 13.01 32.21 -1.35
C LYS A 220 13.50 33.63 -1.60
N TRP A 221 14.17 33.85 -2.73
CA TRP A 221 14.48 35.19 -3.18
C TRP A 221 13.21 35.86 -3.67
N MET A 222 13.07 37.15 -3.39
CA MET A 222 11.84 37.86 -3.72
C MET A 222 12.12 39.19 -4.38
N ARG A 223 11.19 39.63 -5.22
CA ARG A 223 11.10 41.04 -5.58
C ARG A 223 9.81 41.55 -4.97
N GLY A 224 9.94 42.16 -3.80
CA GLY A 224 8.77 42.58 -3.03
C GLY A 224 8.02 41.37 -2.52
N GLU A 225 6.81 41.17 -3.04
CA GLU A 225 6.00 40.03 -2.64
C GLU A 225 5.96 38.97 -3.73
N GLN A 226 6.67 39.23 -4.83
CA GLN A 226 6.76 38.24 -5.90
C GLN A 226 7.93 37.27 -5.68
N GLU A 227 7.60 36.03 -5.33
CA GLU A 227 8.61 34.99 -5.27
C GLU A 227 9.31 34.91 -6.62
N GLN A 228 10.62 34.69 -6.61
CA GLN A 228 11.35 34.55 -7.85
C GLN A 228 11.38 33.10 -8.30
N GLN A 229 10.42 32.72 -9.12
CA GLN A 229 10.48 31.44 -9.79
C GLN A 229 11.86 31.38 -10.43
N GLY A 230 12.74 30.58 -9.85
CA GLY A 230 14.13 30.57 -10.27
C GLY A 230 15.02 30.45 -9.05
N THR A 231 14.49 30.81 -7.90
CA THR A 231 15.17 30.60 -6.63
C THR A 231 15.54 29.13 -6.55
N GLN A 232 16.81 28.83 -6.31
CA GLN A 232 17.25 27.45 -6.15
C GLN A 232 17.79 27.21 -4.75
N PRO A 233 17.01 26.51 -3.92
CA PRO A 233 17.38 26.22 -2.54
C PRO A 233 18.26 24.99 -2.51
N GLY A 234 19.23 24.95 -1.61
CA GLY A 234 20.10 23.80 -1.47
C GLY A 234 19.58 22.78 -0.48
N ASP A 235 20.47 21.93 0.00
CA ASP A 235 20.09 20.93 0.97
C ASP A 235 20.13 21.53 2.37
N ILE A 236 19.25 21.08 3.24
CA ILE A 236 19.28 21.48 4.65
C ILE A 236 20.38 20.72 5.37
N LEU A 237 21.42 21.43 5.78
CA LEU A 237 22.61 20.84 6.36
C LEU A 237 22.70 21.07 7.87
N PRO A 238 23.26 20.09 8.61
CA PRO A 238 23.32 20.15 10.07
C PRO A 238 24.54 20.88 10.61
N ASN A 239 24.37 21.52 11.76
CA ASN A 239 25.47 22.09 12.52
C ASN A 239 25.80 21.16 13.68
N ALA A 240 26.94 21.39 14.32
CA ALA A 240 27.33 20.56 15.46
C ALA A 240 26.38 20.75 16.65
N ASP A 241 25.62 21.84 16.64
CA ASP A 241 24.77 22.17 17.78
C ASP A 241 23.30 21.81 17.56
N GLU A 242 23.03 20.97 16.56
CA GLU A 242 21.68 20.46 16.33
C GLU A 242 20.74 21.51 15.74
N THR A 243 21.32 22.56 15.18
CA THR A 243 20.57 23.50 14.34
C THR A 243 20.97 23.24 12.89
N TRP A 244 20.27 23.86 11.96
CA TRP A 244 20.52 23.57 10.55
C TRP A 244 21.08 24.75 9.74
N TYR A 245 21.36 24.48 8.47
CA TYR A 245 21.91 25.48 7.57
C TYR A 245 21.35 25.30 6.17
N LEU A 246 20.91 26.39 5.56
CA LEU A 246 20.34 26.33 4.21
C LEU A 246 20.80 27.48 3.34
N ARG A 247 21.11 27.17 2.09
CA ARG A 247 21.58 28.17 1.14
C ARG A 247 20.64 28.23 -0.06
N ALA A 248 20.20 29.44 -0.41
CA ALA A 248 19.34 29.62 -1.57
C ALA A 248 19.96 30.60 -2.55
N THR A 249 20.06 30.20 -3.82
CA THR A 249 20.72 31.03 -4.81
C THR A 249 19.79 31.49 -5.93
N LEU A 250 20.21 32.52 -6.66
CA LEU A 250 19.47 33.02 -7.82
C LEU A 250 20.46 33.43 -8.88
N ASP A 251 20.30 32.89 -10.09
CA ASP A 251 21.18 33.24 -11.20
C ASP A 251 20.51 34.33 -12.03
N VAL A 252 21.01 35.55 -11.90
CA VAL A 252 20.33 36.70 -12.46
C VAL A 252 21.26 37.66 -13.22
N VAL A 253 20.71 38.41 -14.16
CA VAL A 253 21.46 39.47 -14.82
C VAL A 253 21.72 40.57 -13.79
N ALA A 254 22.98 40.98 -13.69
CA ALA A 254 23.42 41.93 -12.66
C ALA A 254 22.39 43.03 -12.40
N GLY A 255 21.85 43.59 -13.47
CA GLY A 255 20.89 44.67 -13.37
C GLY A 255 19.65 44.32 -12.55
N GLU A 256 19.37 43.02 -12.43
CA GLU A 256 18.18 42.55 -11.74
C GLU A 256 18.33 42.57 -10.21
N ALA A 257 19.57 42.43 -9.75
CA ALA A 257 19.83 42.29 -8.31
C ALA A 257 19.22 43.42 -7.48
N ALA A 258 19.33 44.65 -7.99
CA ALA A 258 18.78 45.80 -7.28
C ALA A 258 17.29 45.64 -7.03
N GLY A 259 16.89 45.76 -5.77
CA GLY A 259 15.48 45.63 -5.40
C GLY A 259 15.12 44.21 -4.99
N LEU A 260 16.03 43.29 -5.26
CA LEU A 260 15.81 41.89 -4.90
C LEU A 260 16.09 41.66 -3.42
N SER A 261 15.29 40.82 -2.78
CA SER A 261 15.45 40.53 -1.36
C SER A 261 15.36 39.05 -1.06
N CYS A 262 16.09 38.61 -0.04
CA CYS A 262 16.01 37.22 0.42
C CYS A 262 15.10 37.14 1.64
N ARG A 263 14.15 36.21 1.60
CA ARG A 263 13.13 36.11 2.65
C ARG A 263 13.11 34.75 3.37
N VAL A 264 13.25 34.80 4.69
CA VAL A 264 13.28 33.59 5.50
C VAL A 264 12.05 33.46 6.38
N LYS A 265 11.33 32.35 6.24
CA LYS A 265 10.17 32.05 7.08
C LYS A 265 10.48 30.83 7.94
N HIS A 266 10.39 30.99 9.26
CA HIS A 266 10.62 29.88 10.18
C HIS A 266 9.73 29.99 11.42
N SER A 267 9.30 28.84 11.91
CA SER A 267 8.36 28.79 13.03
C SER A 267 8.87 29.54 14.28
N SER A 268 10.18 29.60 14.45
CA SER A 268 10.76 30.26 15.61
C SER A 268 10.61 31.77 15.55
N LEU A 269 10.42 32.30 14.34
CA LEU A 269 10.37 33.74 14.13
C LEU A 269 9.00 34.34 14.46
N GLU A 270 8.03 33.48 14.76
CA GLU A 270 6.72 33.94 15.19
C GLU A 270 6.10 34.96 14.23
N GLY A 271 6.09 34.63 12.94
CA GLY A 271 5.45 35.47 11.94
C GLY A 271 6.31 36.61 11.44
N GLN A 272 7.42 36.88 12.13
CA GLN A 272 8.29 37.99 11.77
C GLN A 272 9.43 37.54 10.85
N ASP A 273 9.12 37.41 9.57
CA ASP A 273 10.08 36.92 8.57
C ASP A 273 11.38 37.70 8.56
N ILE A 274 12.48 37.01 8.28
CA ILE A 274 13.76 37.68 8.07
C ILE A 274 13.83 38.10 6.60
N VAL A 275 14.12 39.38 6.37
CA VAL A 275 14.18 39.91 5.02
C VAL A 275 15.50 40.64 4.78
N LEU A 276 16.35 40.07 3.94
CA LEU A 276 17.62 40.69 3.60
C LEU A 276 17.58 41.29 2.19
N TYR A 277 17.96 42.56 2.09
CA TYR A 277 17.94 43.26 0.80
C TYR A 277 19.31 43.30 0.17
N TRP A 278 19.37 42.95 -1.11
CA TRP A 278 20.61 43.04 -1.86
C TRP A 278 20.93 44.50 -2.15
N HIS A 279 22.20 44.87 -1.96
CA HIS A 279 22.63 46.24 -2.19
C HIS A 279 23.91 46.31 -3.01
N ILE B 4 30.93 -0.70 -3.88
CA ILE B 4 31.06 0.40 -4.83
C ILE B 4 29.75 0.72 -5.51
N GLN B 5 28.94 1.56 -4.88
CA GLN B 5 27.66 1.97 -5.48
C GLN B 5 27.56 3.49 -5.56
N ARG B 6 27.27 4.13 -4.42
CA ARG B 6 26.99 5.56 -4.39
C ARG B 6 28.19 6.38 -3.92
N THR B 7 28.59 7.35 -4.74
CA THR B 7 29.73 8.21 -4.41
C THR B 7 29.30 9.41 -3.57
N PRO B 8 30.18 9.83 -2.64
CA PRO B 8 29.94 10.86 -1.62
C PRO B 8 29.74 12.26 -2.17
N LYS B 9 28.79 12.98 -1.57
CA LYS B 9 28.63 14.40 -1.82
C LYS B 9 29.39 15.10 -0.70
N ILE B 10 30.07 16.20 -1.03
CA ILE B 10 30.85 16.92 -0.03
C ILE B 10 30.45 18.40 0.02
N GLN B 11 30.04 18.85 1.20
CA GLN B 11 29.59 20.23 1.36
C GLN B 11 30.28 20.88 2.55
N VAL B 12 31.01 21.96 2.28
CA VAL B 12 31.69 22.72 3.32
C VAL B 12 30.96 24.03 3.60
N TYR B 13 30.88 24.39 4.88
CA TYR B 13 30.18 25.59 5.30
C TYR B 13 30.54 25.94 6.74
N SER B 14 30.28 27.18 7.12
CA SER B 14 30.54 27.62 8.48
C SER B 14 29.26 27.78 9.29
N ARG B 15 29.41 27.76 10.61
CA ARG B 15 28.27 27.95 11.51
C ARG B 15 27.76 29.38 11.44
N HIS B 16 28.70 30.33 11.42
CA HIS B 16 28.37 31.74 11.37
C HIS B 16 29.04 32.39 10.17
N PRO B 17 28.52 33.55 9.71
CA PRO B 17 29.11 34.27 8.59
C PRO B 17 30.58 34.60 8.87
N ALA B 18 31.44 34.30 7.92
CA ALA B 18 32.87 34.50 8.09
C ALA B 18 33.19 35.95 8.38
N GLU B 19 33.89 36.18 9.48
CA GLU B 19 34.48 37.49 9.76
C GLU B 19 35.93 37.32 10.18
N ASN B 20 36.84 37.69 9.29
CA ASN B 20 38.27 37.52 9.53
C ASN B 20 38.69 37.99 10.92
N GLY B 21 39.38 37.10 11.65
CA GLY B 21 39.85 37.43 12.98
C GLY B 21 38.86 37.10 14.08
N LYS B 22 37.71 36.55 13.70
CA LYS B 22 36.72 36.12 14.70
C LYS B 22 36.51 34.61 14.73
N SER B 23 36.17 34.11 15.92
CA SER B 23 36.03 32.68 16.14
C SER B 23 34.80 32.13 15.41
N ASN B 24 34.96 30.93 14.84
CA ASN B 24 33.90 30.31 14.07
C ASN B 24 33.99 28.78 14.12
N PHE B 25 33.10 28.11 13.42
CA PHE B 25 33.16 26.66 13.27
C PHE B 25 33.03 26.30 11.79
N LEU B 26 33.95 25.48 11.31
CA LEU B 26 33.91 25.02 9.92
C LEU B 26 33.32 23.63 9.89
N ASN B 27 32.22 23.47 9.16
CA ASN B 27 31.57 22.18 9.03
C ASN B 27 31.86 21.52 7.69
N CYS B 28 31.95 20.20 7.69
CA CYS B 28 31.99 19.44 6.44
C CYS B 28 31.02 18.29 6.53
N TYR B 29 30.04 18.29 5.63
CA TYR B 29 29.00 17.27 5.63
C TYR B 29 29.19 16.34 4.43
N VAL B 30 29.55 15.10 4.72
CA VAL B 30 29.72 14.07 3.69
C VAL B 30 28.51 13.14 3.70
N SER B 31 27.80 13.06 2.58
CA SER B 31 26.51 12.37 2.56
C SER B 31 26.27 11.55 1.30
N GLY B 32 25.27 10.69 1.35
CA GLY B 32 24.80 9.97 0.17
C GLY B 32 25.72 8.92 -0.38
N PHE B 33 26.80 8.62 0.35
CA PHE B 33 27.75 7.60 -0.09
C PHE B 33 27.36 6.18 0.37
N HIS B 34 27.98 5.19 -0.27
CA HIS B 34 27.73 3.78 0.03
C HIS B 34 28.78 2.98 -0.74
N PRO B 35 29.46 2.05 -0.06
CA PRO B 35 29.26 1.61 1.33
C PRO B 35 29.90 2.52 2.37
N SER B 36 29.74 2.13 3.64
CA SER B 36 30.10 2.96 4.79
C SER B 36 31.59 3.30 4.92
N ASP B 37 32.46 2.40 4.49
CA ASP B 37 33.90 2.63 4.60
C ASP B 37 34.27 3.98 3.96
N ILE B 38 34.78 4.90 4.78
CA ILE B 38 35.16 6.22 4.26
C ILE B 38 36.28 6.89 5.07
N GLU B 39 36.98 7.80 4.42
CA GLU B 39 38.02 8.59 5.07
C GLU B 39 37.77 10.08 4.84
N VAL B 40 37.73 10.84 5.93
CA VAL B 40 37.43 12.26 5.85
C VAL B 40 38.41 13.12 6.66
N ASP B 41 38.88 14.20 6.04
CA ASP B 41 39.77 15.14 6.71
C ASP B 41 39.36 16.58 6.41
N LEU B 42 39.46 17.44 7.42
CA LEU B 42 39.38 18.86 7.19
C LEU B 42 40.80 19.39 6.95
N LEU B 43 40.92 20.31 6.00
CA LEU B 43 42.24 20.82 5.64
C LEU B 43 42.39 22.29 5.94
N LYS B 44 43.56 22.66 6.46
CA LYS B 44 43.95 24.06 6.57
C LYS B 44 45.19 24.29 5.74
N ASN B 45 45.08 25.12 4.70
CA ASN B 45 46.21 25.38 3.80
C ASN B 45 46.88 24.10 3.33
N GLY B 46 46.07 23.10 3.03
CA GLY B 46 46.55 21.84 2.49
C GLY B 46 46.87 20.80 3.55
N GLU B 47 47.25 21.26 4.73
CA GLU B 47 47.62 20.36 5.81
C GLU B 47 46.39 19.84 6.55
N ARG B 48 46.50 18.63 7.09
CA ARG B 48 45.40 18.03 7.84
C ARG B 48 45.19 18.75 9.19
N ILE B 49 43.93 18.97 9.51
CA ILE B 49 43.57 19.52 10.81
C ILE B 49 43.37 18.39 11.79
N GLU B 50 44.17 18.40 12.87
CA GLU B 50 44.17 17.30 13.82
C GLU B 50 43.08 17.44 14.88
N LYS B 51 42.85 18.66 15.34
CA LYS B 51 41.82 18.89 16.35
C LYS B 51 40.46 19.07 15.69
N VAL B 52 39.93 17.98 15.13
CA VAL B 52 38.59 17.99 14.56
C VAL B 52 37.65 17.22 15.47
N GLU B 53 36.36 17.33 15.17
CA GLU B 53 35.37 16.47 15.77
C GLU B 53 34.43 15.98 14.66
N HIS B 54 33.86 14.80 14.85
CA HIS B 54 32.95 14.25 13.87
C HIS B 54 31.78 13.66 14.59
N SER B 55 30.72 13.35 13.84
CA SER B 55 29.54 12.72 14.40
C SER B 55 29.63 11.22 14.20
N ASP B 56 28.65 10.50 14.74
CA ASP B 56 28.56 9.06 14.50
C ASP B 56 28.09 8.83 13.08
N LEU B 57 28.59 7.77 12.45
CA LEU B 57 28.06 7.35 11.17
C LEU B 57 26.57 7.16 11.32
N SER B 58 25.81 7.68 10.37
CA SER B 58 24.37 7.48 10.35
C SER B 58 23.93 7.34 8.89
N PHE B 59 22.64 7.12 8.69
CA PHE B 59 22.12 7.09 7.33
C PHE B 59 20.71 7.65 7.28
N SER B 60 20.23 7.88 6.07
CA SER B 60 18.90 8.46 5.86
C SER B 60 17.94 7.43 5.27
N LYS B 61 16.68 7.84 5.10
CA LYS B 61 15.64 6.92 4.66
C LYS B 61 16.04 6.06 3.46
N ASP B 62 16.85 6.62 2.56
CA ASP B 62 17.25 5.90 1.36
C ASP B 62 18.47 5.00 1.57
N TRP B 63 18.96 4.96 2.82
CA TRP B 63 20.02 4.04 3.22
C TRP B 63 21.44 4.53 2.93
N SER B 64 21.59 5.67 2.26
CA SER B 64 22.92 6.23 2.05
C SER B 64 23.45 6.80 3.37
N PHE B 65 24.78 6.81 3.51
CA PHE B 65 25.39 7.21 4.78
C PHE B 65 25.76 8.68 4.82
N TYR B 66 25.73 9.27 6.02
CA TYR B 66 26.21 10.64 6.19
C TYR B 66 27.04 10.86 7.45
N LEU B 67 27.84 11.92 7.43
CA LEU B 67 28.83 12.17 8.47
C LEU B 67 29.10 13.67 8.63
N LEU B 68 29.02 14.17 9.85
CA LEU B 68 29.32 15.57 10.10
C LEU B 68 30.70 15.74 10.75
N TYR B 69 31.57 16.47 10.07
CA TYR B 69 32.84 16.88 10.64
C TYR B 69 32.78 18.37 10.93
N TYR B 70 33.50 18.80 11.97
CA TYR B 70 33.57 20.20 12.32
C TYR B 70 34.74 20.52 13.23
N THR B 71 35.30 21.71 13.06
CA THR B 71 36.36 22.18 13.94
C THR B 71 36.20 23.68 14.21
N GLU B 72 36.70 24.12 15.36
CA GLU B 72 36.67 25.52 15.73
C GLU B 72 37.85 26.20 15.05
N PHE B 73 37.60 27.32 14.38
CA PHE B 73 38.65 28.00 13.64
C PHE B 73 38.44 29.52 13.54
N THR B 74 39.46 30.21 13.07
CA THR B 74 39.37 31.65 12.82
C THR B 74 39.80 31.95 11.39
N PRO B 75 38.85 32.42 10.57
CA PRO B 75 39.12 32.73 9.17
C PRO B 75 40.03 33.95 9.04
N THR B 76 40.68 34.08 7.90
CA THR B 76 41.56 35.20 7.63
C THR B 76 41.68 35.39 6.14
N GLU B 77 42.26 36.50 5.72
CA GLU B 77 42.47 36.74 4.30
C GLU B 77 43.27 35.61 3.66
N LYS B 78 44.30 35.15 4.36
CA LYS B 78 45.27 34.21 3.79
C LYS B 78 44.86 32.73 3.82
N ASP B 79 44.38 32.26 4.97
CA ASP B 79 44.13 30.83 5.18
C ASP B 79 43.06 30.24 4.26
N GLU B 80 43.40 29.13 3.61
CA GLU B 80 42.46 28.40 2.77
C GLU B 80 42.04 27.09 3.43
N TYR B 81 40.75 26.96 3.71
CA TYR B 81 40.23 25.76 4.36
C TYR B 81 39.50 24.84 3.38
N ALA B 82 39.55 23.53 3.65
CA ALA B 82 38.98 22.56 2.72
C ALA B 82 38.55 21.27 3.41
N CYS B 83 37.94 20.37 2.63
CA CYS B 83 37.51 19.07 3.13
C CYS B 83 37.88 17.98 2.12
N ARG B 84 38.66 16.99 2.57
CA ARG B 84 39.23 15.98 1.68
C ARG B 84 38.65 14.61 1.98
N VAL B 85 38.05 13.99 0.97
CA VAL B 85 37.38 12.69 1.16
C VAL B 85 37.96 11.59 0.30
N ASN B 86 38.03 10.39 0.86
CA ASN B 86 38.45 9.21 0.10
C ASN B 86 37.46 8.07 0.31
N HIS B 87 37.15 7.37 -0.77
CA HIS B 87 36.07 6.40 -0.78
C HIS B 87 36.29 5.41 -1.92
N VAL B 88 35.72 4.22 -1.80
CA VAL B 88 35.90 3.18 -2.81
C VAL B 88 35.46 3.66 -4.19
N THR B 89 34.52 4.60 -4.25
CA THR B 89 33.97 5.06 -5.50
C THR B 89 34.81 6.14 -6.19
N LEU B 90 35.90 6.55 -5.55
CA LEU B 90 36.76 7.58 -6.11
C LEU B 90 38.12 7.01 -6.52
N SER B 91 38.67 7.53 -7.60
CA SER B 91 39.97 7.08 -8.09
C SER B 91 41.09 7.84 -7.41
N GLN B 92 40.78 9.03 -6.91
CA GLN B 92 41.71 9.83 -6.14
C GLN B 92 40.91 10.66 -5.14
N PRO B 93 41.49 10.91 -3.96
CA PRO B 93 40.73 11.66 -2.95
C PRO B 93 40.19 12.96 -3.53
N LYS B 94 38.95 13.28 -3.21
CA LYS B 94 38.32 14.49 -3.69
C LYS B 94 38.43 15.60 -2.63
N ILE B 95 38.79 16.80 -3.07
CA ILE B 95 38.86 17.95 -2.17
C ILE B 95 37.81 18.99 -2.54
N VAL B 96 37.05 19.45 -1.56
CA VAL B 96 36.11 20.54 -1.77
C VAL B 96 36.49 21.73 -0.89
N LYS B 97 36.68 22.88 -1.51
CA LYS B 97 37.16 24.07 -0.80
C LYS B 97 36.02 24.86 -0.17
N TRP B 98 36.23 25.29 1.06
CA TRP B 98 35.31 26.22 1.70
C TRP B 98 35.33 27.51 0.92
N ASP B 99 34.16 27.93 0.44
CA ASP B 99 34.01 29.25 -0.16
C ASP B 99 33.02 30.02 0.70
N ARG B 100 33.49 31.12 1.28
CA ARG B 100 32.66 31.87 2.21
C ARG B 100 31.55 32.65 1.52
N ASP B 101 31.81 33.05 0.28
CA ASP B 101 30.82 33.81 -0.49
C ASP B 101 29.92 32.89 -1.30
N MET B 102 30.16 31.59 -1.19
CA MET B 102 29.29 30.61 -1.81
C MET B 102 28.71 29.67 -0.76
N ARG C 7 -4.59 10.28 -0.63
CA ARG C 7 -5.63 9.90 -1.59
C ARG C 7 -6.23 8.54 -1.27
N LEU C 8 -6.30 8.19 0.01
CA LEU C 8 -6.80 6.88 0.40
C LEU C 8 -8.12 6.92 1.17
N PHE C 9 -9.00 5.99 0.82
CA PHE C 9 -10.28 5.86 1.48
C PHE C 9 -10.47 4.42 1.93
N PRO C 10 -9.95 4.10 3.12
CA PRO C 10 -10.06 2.74 3.65
C PRO C 10 -11.50 2.34 3.90
N LEU C 11 -11.85 1.11 3.54
CA LEU C 11 -13.18 0.58 3.80
C LEU C 11 -13.19 -0.07 5.19
N ARG C 12 -14.17 0.31 6.00
CA ARG C 12 -14.19 -0.10 7.40
C ARG C 12 -15.57 -0.64 7.78
N CYS C 13 -15.64 -1.96 8.00
CA CYS C 13 -16.92 -2.61 8.29
C CYS C 13 -17.11 -2.85 9.78
N LEU C 14 -18.20 -2.31 10.34
CA LEU C 14 -18.41 -2.30 11.78
C LEU C 14 -19.60 -3.16 12.20
N GLN C 15 -19.40 -3.96 13.25
CA GLN C 15 -20.47 -4.79 13.79
C GLN C 15 -20.61 -4.60 15.31
N ILE C 16 -21.80 -4.18 15.73
CA ILE C 16 -22.07 -4.00 17.15
C ILE C 16 -23.12 -5.00 17.62
N SER C 17 -22.66 -6.12 18.20
CA SER C 17 -23.56 -7.14 18.72
C SER C 17 -23.64 -7.06 20.24
N SER C 18 -24.83 -6.77 20.75
CA SER C 18 -25.05 -6.66 22.18
C SER C 18 -25.94 -7.77 22.71
N PHE C 19 -25.39 -8.59 23.60
CA PHE C 19 -26.14 -9.66 24.24
C PHE C 19 -26.57 -9.22 25.64
N ALA C 20 -27.87 -8.92 25.79
CA ALA C 20 -28.41 -8.48 27.07
C ALA C 20 -28.44 -9.64 28.06
N ASN C 21 -28.99 -10.75 27.63
CA ASN C 21 -28.99 -11.98 28.41
C ASN C 21 -29.17 -13.19 27.51
N SER C 22 -29.10 -14.39 28.08
CA SER C 22 -29.18 -15.62 27.30
C SER C 22 -30.18 -15.54 26.15
N SER C 23 -31.21 -14.72 26.31
CA SER C 23 -32.30 -14.64 25.35
C SER C 23 -32.16 -13.51 24.33
N TRP C 24 -32.17 -12.27 24.80
CA TRP C 24 -32.26 -11.09 23.94
C TRP C 24 -30.91 -10.60 23.42
N THR C 25 -30.81 -10.41 22.11
CA THR C 25 -29.55 -9.98 21.50
C THR C 25 -29.73 -9.21 20.19
N ARG C 26 -29.29 -7.95 20.18
CA ARG C 26 -29.31 -7.14 18.96
C ARG C 26 -27.96 -7.09 18.28
N THR C 27 -27.96 -7.24 16.96
CA THR C 27 -26.75 -7.09 16.16
C THR C 27 -26.98 -6.12 15.02
N ASP C 28 -26.25 -5.01 15.06
CA ASP C 28 -26.33 -4.02 13.99
C ASP C 28 -24.96 -3.84 13.35
N GLY C 29 -24.93 -3.20 12.18
CA GLY C 29 -23.69 -2.98 11.48
C GLY C 29 -23.73 -1.76 10.59
N LEU C 30 -22.59 -1.45 9.98
CA LEU C 30 -22.48 -0.35 9.03
C LEU C 30 -21.10 -0.39 8.39
N ALA C 31 -20.96 0.31 7.27
CA ALA C 31 -19.68 0.35 6.59
C ALA C 31 -19.29 1.79 6.29
N TRP C 32 -18.00 2.08 6.46
CA TRP C 32 -17.48 3.40 6.14
C TRP C 32 -16.46 3.30 5.01
N LEU C 33 -16.65 4.11 3.97
CA LEU C 33 -15.61 4.29 2.97
C LEU C 33 -15.02 5.67 3.20
N GLY C 34 -13.75 5.72 3.61
CA GLY C 34 -13.18 6.97 4.07
C GLY C 34 -13.97 7.48 5.26
N GLU C 35 -14.48 8.69 5.17
CA GLU C 35 -15.27 9.30 6.24
C GLU C 35 -16.76 9.24 5.95
N LEU C 36 -17.13 8.67 4.80
CA LEU C 36 -18.52 8.55 4.40
C LEU C 36 -19.12 7.21 4.84
N GLN C 37 -20.34 7.22 5.34
CA GLN C 37 -21.04 5.99 5.68
C GLN C 37 -21.80 5.47 4.47
N THR C 38 -21.35 4.34 3.93
CA THR C 38 -21.87 3.82 2.68
C THR C 38 -22.93 2.73 2.86
N HIS C 39 -22.93 2.10 4.03
CA HIS C 39 -23.86 1.00 4.26
C HIS C 39 -24.42 0.96 5.68
N SER C 40 -25.62 0.43 5.81
CA SER C 40 -26.29 0.31 7.11
C SER C 40 -26.99 -1.04 7.18
N TRP C 41 -26.76 -1.76 8.28
CA TRP C 41 -27.37 -3.08 8.45
C TRP C 41 -28.11 -3.20 9.78
N SER C 42 -29.41 -2.92 9.75
CA SER C 42 -30.23 -3.04 10.95
C SER C 42 -30.61 -4.49 11.19
N GLN C 43 -30.89 -4.83 12.45
CA GLN C 43 -31.28 -6.19 12.80
C GLN C 43 -32.76 -6.43 12.52
N ASP C 44 -33.51 -5.35 12.40
CA ASP C 44 -34.92 -5.43 12.04
C ASP C 44 -35.03 -5.76 10.55
N SER C 45 -33.90 -5.74 9.87
CA SER C 45 -33.86 -5.93 8.43
C SER C 45 -33.14 -7.21 8.03
N ASP C 46 -33.74 -7.96 7.11
CA ASP C 46 -33.08 -9.10 6.52
C ASP C 46 -32.25 -8.62 5.34
N THR C 47 -32.01 -7.32 5.28
CA THR C 47 -31.30 -6.71 4.16
C THR C 47 -30.25 -5.69 4.62
N VAL C 48 -29.19 -5.55 3.82
CA VAL C 48 -28.16 -4.56 4.09
C VAL C 48 -28.39 -3.31 3.26
N ARG C 49 -28.78 -2.23 3.93
CA ARG C 49 -29.17 -0.98 3.26
C ARG C 49 -27.98 -0.25 2.63
N SER C 50 -28.16 0.21 1.39
CA SER C 50 -27.18 1.06 0.73
C SER C 50 -27.56 2.52 0.92
N LEU C 51 -26.60 3.32 1.38
CA LEU C 51 -26.88 4.71 1.75
C LEU C 51 -26.52 5.69 0.65
N LYS C 52 -25.84 5.21 -0.38
CA LYS C 52 -25.47 6.04 -1.52
C LYS C 52 -25.90 5.36 -2.82
N PRO C 53 -26.12 6.16 -3.88
CA PRO C 53 -26.47 5.57 -5.18
C PRO C 53 -25.36 4.66 -5.72
N TRP C 54 -24.12 4.88 -5.28
CA TRP C 54 -22.99 4.12 -5.77
C TRP C 54 -22.50 3.07 -4.76
N SER C 55 -23.35 2.77 -3.78
CA SER C 55 -22.97 1.86 -2.70
C SER C 55 -22.78 0.41 -3.13
N GLN C 56 -23.50 0.01 -4.17
CA GLN C 56 -23.34 -1.36 -4.69
C GLN C 56 -22.04 -1.52 -5.47
N GLY C 57 -21.47 -0.39 -5.89
CA GLY C 57 -20.22 -0.38 -6.63
C GLY C 57 -20.34 -1.07 -7.97
N THR C 58 -19.26 -1.75 -8.39
CA THR C 58 -19.28 -2.50 -9.63
C THR C 58 -19.67 -3.96 -9.39
N PHE C 59 -20.53 -4.16 -8.39
CA PHE C 59 -21.09 -5.48 -8.12
C PHE C 59 -22.56 -5.53 -8.51
N SER C 60 -22.98 -6.63 -9.12
CA SER C 60 -24.33 -6.76 -9.67
C SER C 60 -25.40 -6.99 -8.61
N ASP C 61 -26.61 -7.28 -9.06
CA ASP C 61 -27.76 -7.39 -8.18
C ASP C 61 -27.83 -8.73 -7.43
N GLN C 62 -27.70 -9.84 -8.14
CA GLN C 62 -27.66 -11.15 -7.50
C GLN C 62 -26.24 -11.49 -7.07
N GLN C 63 -25.29 -10.67 -7.52
CA GLN C 63 -23.93 -10.73 -6.98
C GLN C 63 -23.95 -9.91 -5.69
N TRP C 64 -25.09 -9.28 -5.45
CA TRP C 64 -25.33 -8.50 -4.25
C TRP C 64 -26.13 -9.34 -3.26
N GLU C 65 -27.01 -10.19 -3.80
CA GLU C 65 -27.86 -11.05 -2.99
C GLU C 65 -27.05 -12.20 -2.38
N THR C 66 -25.88 -12.48 -2.97
CA THR C 66 -25.03 -13.55 -2.49
C THR C 66 -24.46 -13.22 -1.11
N LEU C 67 -23.62 -12.18 -1.05
CA LEU C 67 -23.06 -11.73 0.21
C LEU C 67 -24.19 -11.29 1.13
N GLN C 68 -25.20 -10.65 0.54
CA GLN C 68 -26.41 -10.27 1.27
C GLN C 68 -26.91 -11.44 2.12
N HIS C 69 -27.29 -12.52 1.44
CA HIS C 69 -27.73 -13.73 2.11
C HIS C 69 -26.71 -14.20 3.15
N ILE C 70 -25.43 -14.11 2.79
CA ILE C 70 -24.35 -14.50 3.70
C ILE C 70 -24.43 -13.71 5.00
N PHE C 71 -24.66 -12.41 4.90
CA PHE C 71 -24.79 -11.56 6.08
C PHE C 71 -25.89 -12.10 6.99
N ARG C 72 -27.03 -12.43 6.42
CA ARG C 72 -28.14 -13.00 7.18
C ARG C 72 -27.70 -14.27 7.88
N VAL C 73 -27.08 -15.18 7.14
CA VAL C 73 -26.59 -16.43 7.69
C VAL C 73 -25.59 -16.16 8.80
N TYR C 74 -24.59 -15.34 8.49
CA TYR C 74 -23.54 -15.01 9.44
C TYR C 74 -24.09 -14.43 10.75
N ARG C 75 -25.09 -13.57 10.64
CA ARG C 75 -25.66 -12.95 11.82
C ARG C 75 -26.23 -13.99 12.79
N SER C 76 -27.02 -14.91 12.25
CA SER C 76 -27.63 -15.96 13.07
C SER C 76 -26.56 -16.91 13.60
N SER C 77 -25.66 -17.33 12.73
CA SER C 77 -24.59 -18.25 13.10
C SER C 77 -23.66 -17.64 14.15
N PHE C 78 -23.41 -16.34 14.02
CA PHE C 78 -22.57 -15.61 14.97
C PHE C 78 -23.21 -15.56 16.34
N THR C 79 -24.49 -15.20 16.38
CA THR C 79 -25.24 -15.10 17.63
C THR C 79 -25.30 -16.45 18.35
N ARG C 80 -25.56 -17.51 17.59
CA ARG C 80 -25.64 -18.86 18.16
C ARG C 80 -24.32 -19.26 18.79
N ASP C 81 -23.22 -18.97 18.10
CA ASP C 81 -21.90 -19.38 18.55
C ASP C 81 -21.39 -18.60 19.77
N VAL C 82 -21.70 -17.31 19.84
CA VAL C 82 -21.31 -16.50 20.99
C VAL C 82 -22.01 -16.99 22.25
N LYS C 83 -23.32 -17.19 22.16
CA LYS C 83 -24.07 -17.73 23.27
C LYS C 83 -23.48 -19.07 23.71
N GLU C 84 -23.01 -19.85 22.74
CA GLU C 84 -22.39 -21.15 23.04
C GLU C 84 -21.06 -20.99 23.76
N PHE C 85 -20.26 -20.01 23.33
CA PHE C 85 -18.99 -19.72 23.99
C PHE C 85 -19.22 -19.25 25.42
N ALA C 86 -20.24 -18.41 25.60
CA ALA C 86 -20.54 -17.82 26.89
C ALA C 86 -20.90 -18.86 27.93
N LYS C 87 -21.86 -19.73 27.59
CA LYS C 87 -22.28 -20.81 28.47
C LYS C 87 -21.08 -21.69 28.78
N MET C 88 -20.39 -22.08 27.72
CA MET C 88 -19.26 -23.00 27.80
C MET C 88 -18.09 -22.43 28.62
N LEU C 89 -17.86 -21.13 28.49
CA LEU C 89 -16.71 -20.51 29.11
C LEU C 89 -17.12 -19.62 30.29
N ARG C 90 -18.34 -19.82 30.77
CA ARG C 90 -18.82 -19.12 31.96
C ARG C 90 -18.66 -17.60 31.86
N LEU C 91 -18.91 -17.04 30.69
CA LEU C 91 -18.89 -15.59 30.51
C LEU C 91 -20.19 -14.99 31.02
N SER C 92 -20.08 -13.91 31.79
CA SER C 92 -21.26 -13.26 32.36
C SER C 92 -21.86 -12.21 31.42
N TYR C 93 -23.18 -12.24 31.29
CA TYR C 93 -23.90 -11.23 30.52
C TYR C 93 -24.04 -9.95 31.34
N PRO C 94 -24.29 -8.82 30.67
CA PRO C 94 -24.41 -8.74 29.22
C PRO C 94 -23.06 -8.67 28.52
N LEU C 95 -23.03 -9.03 27.24
CA LEU C 95 -21.81 -9.03 26.46
C LEU C 95 -21.89 -7.98 25.36
N GLU C 96 -20.76 -7.35 25.05
CA GLU C 96 -20.68 -6.45 23.90
C GLU C 96 -19.52 -6.88 23.01
N LEU C 97 -19.85 -7.49 21.87
CA LEU C 97 -18.84 -7.88 20.90
C LEU C 97 -18.85 -6.93 19.71
N GLN C 98 -17.66 -6.47 19.32
CA GLN C 98 -17.52 -5.58 18.20
C GLN C 98 -16.54 -6.16 17.18
N VAL C 99 -16.80 -5.89 15.92
CA VAL C 99 -15.91 -6.34 14.85
C VAL C 99 -15.55 -5.14 13.99
N SER C 100 -14.30 -5.10 13.55
CA SER C 100 -13.85 -4.08 12.64
C SER C 100 -13.04 -4.78 11.57
N ALA C 101 -13.53 -4.73 10.34
CA ALA C 101 -12.88 -5.46 9.25
C ALA C 101 -13.00 -4.71 7.94
N GLY C 102 -11.99 -4.87 7.09
CA GLY C 102 -11.99 -4.23 5.79
C GLY C 102 -10.62 -4.28 5.15
N CYS C 103 -10.42 -3.38 4.20
CA CYS C 103 -9.16 -3.29 3.49
C CYS C 103 -8.97 -1.86 3.02
N GLU C 104 -7.83 -1.57 2.43
CA GLU C 104 -7.64 -0.28 1.80
C GLU C 104 -6.81 -0.45 0.53
N VAL C 105 -7.46 -0.26 -0.61
CA VAL C 105 -6.78 -0.34 -1.89
C VAL C 105 -5.69 0.73 -1.94
N HIS C 106 -4.54 0.34 -2.47
CA HIS C 106 -3.40 1.25 -2.53
C HIS C 106 -2.50 0.85 -3.69
N PRO C 107 -2.79 1.38 -4.88
CA PRO C 107 -2.03 1.04 -6.08
C PRO C 107 -0.76 1.85 -6.19
N GLY C 108 0.34 1.22 -6.58
CA GLY C 108 0.31 -0.19 -6.93
C GLY C 108 1.05 -1.08 -5.94
N GLN C 109 0.34 -1.53 -4.91
CA GLN C 109 0.90 -2.41 -3.91
C GLN C 109 -0.19 -3.36 -3.43
N ALA C 110 0.21 -4.42 -2.73
CA ALA C 110 -0.77 -5.27 -2.07
C ALA C 110 -1.60 -4.40 -1.15
N SER C 111 -2.92 -4.51 -1.23
CA SER C 111 -3.79 -3.71 -0.39
C SER C 111 -3.83 -4.30 1.02
N ASN C 112 -3.90 -3.43 2.02
CA ASN C 112 -3.96 -3.86 3.41
C ASN C 112 -5.35 -4.34 3.78
N ASN C 113 -5.43 -5.35 4.63
CA ASN C 113 -6.70 -5.81 5.16
C ASN C 113 -6.55 -6.13 6.64
N PHE C 114 -7.67 -6.23 7.34
CA PHE C 114 -7.66 -6.42 8.78
C PHE C 114 -8.99 -7.00 9.25
N PHE C 115 -8.94 -7.70 10.38
CA PHE C 115 -10.14 -8.23 11.00
C PHE C 115 -9.89 -8.24 12.50
N HIS C 116 -10.47 -7.26 13.19
CA HIS C 116 -10.32 -7.16 14.63
C HIS C 116 -11.67 -7.38 15.31
N VAL C 117 -11.65 -8.09 16.43
CA VAL C 117 -12.85 -8.26 17.24
C VAL C 117 -12.56 -7.92 18.69
N ALA C 118 -13.53 -7.31 19.36
CA ALA C 118 -13.34 -6.81 20.71
C ALA C 118 -14.46 -7.25 21.66
N PHE C 119 -14.06 -7.66 22.85
CA PHE C 119 -15.01 -8.07 23.88
C PHE C 119 -15.01 -7.07 25.01
N GLN C 120 -16.19 -6.52 25.31
CA GLN C 120 -16.35 -5.56 26.41
C GLN C 120 -15.46 -4.33 26.24
N GLY C 121 -15.20 -3.93 25.00
CA GLY C 121 -14.51 -2.68 24.74
C GLY C 121 -13.01 -2.79 24.48
N LYS C 122 -12.44 -3.95 24.74
CA LYS C 122 -11.01 -4.15 24.51
C LYS C 122 -10.79 -5.26 23.47
N ASP C 123 -9.69 -5.19 22.73
CA ASP C 123 -9.37 -6.18 21.72
C ASP C 123 -9.08 -7.52 22.36
N ILE C 124 -9.62 -8.59 21.77
CA ILE C 124 -9.34 -9.94 22.25
C ILE C 124 -8.62 -10.80 21.21
N LEU C 125 -8.96 -10.59 19.94
CA LEU C 125 -8.36 -11.40 18.88
C LEU C 125 -8.51 -10.77 17.50
N SER C 126 -7.67 -11.20 16.56
CA SER C 126 -7.73 -10.71 15.20
C SER C 126 -7.34 -11.80 14.22
N PHE C 127 -7.57 -11.58 12.93
CA PHE C 127 -7.17 -12.53 11.90
C PHE C 127 -5.75 -12.24 11.41
N GLN C 128 -4.94 -13.28 11.31
CA GLN C 128 -3.55 -13.14 10.91
C GLN C 128 -3.18 -14.28 9.98
N GLY C 129 -2.58 -13.93 8.84
CA GLY C 129 -2.25 -14.94 7.84
C GLY C 129 -3.48 -15.75 7.49
N THR C 130 -3.57 -16.95 8.07
CA THR C 130 -4.63 -17.88 7.72
C THR C 130 -5.53 -18.23 8.90
N SER C 131 -5.18 -17.76 10.09
CA SER C 131 -5.88 -18.17 11.31
C SER C 131 -6.12 -17.03 12.29
N TRP C 132 -6.91 -17.32 13.32
CA TRP C 132 -7.18 -16.35 14.37
C TRP C 132 -6.07 -16.36 15.41
N GLU C 133 -5.68 -15.19 15.88
CA GLU C 133 -4.68 -15.06 16.92
C GLU C 133 -5.15 -14.11 18.02
N PRO C 134 -4.93 -14.51 19.28
CA PRO C 134 -5.28 -13.70 20.45
C PRO C 134 -4.33 -12.52 20.62
N THR C 135 -4.85 -11.37 21.03
CA THR C 135 -4.01 -10.20 21.26
C THR C 135 -3.14 -10.41 22.50
N GLN C 136 -2.06 -9.65 22.60
CA GLN C 136 -1.09 -9.83 23.67
C GLN C 136 -1.67 -9.64 25.07
N GLU C 137 -2.64 -8.74 25.21
CA GLU C 137 -3.22 -8.43 26.50
C GLU C 137 -4.53 -9.18 26.74
N ALA C 138 -4.88 -10.09 25.84
CA ALA C 138 -6.16 -10.79 25.90
C ALA C 138 -6.27 -11.70 27.11
N PRO C 139 -7.47 -11.77 27.70
CA PRO C 139 -7.79 -12.68 28.80
C PRO C 139 -7.40 -14.12 28.45
N LEU C 140 -7.27 -14.97 29.47
CA LEU C 140 -6.87 -16.35 29.25
C LEU C 140 -7.88 -17.14 28.42
N TRP C 141 -9.16 -17.01 28.79
CA TRP C 141 -10.21 -17.79 28.12
C TRP C 141 -10.21 -17.61 26.61
N VAL C 142 -9.71 -16.48 26.14
CA VAL C 142 -9.65 -16.21 24.71
C VAL C 142 -8.83 -17.27 24.00
N ASN C 143 -7.85 -17.82 24.71
CA ASN C 143 -6.99 -18.86 24.15
C ASN C 143 -7.75 -20.13 23.80
N LEU C 144 -8.73 -20.48 24.65
CA LEU C 144 -9.59 -21.63 24.37
C LEU C 144 -10.45 -21.32 23.14
N ALA C 145 -11.01 -20.12 23.13
CA ALA C 145 -11.81 -19.67 22.00
C ALA C 145 -11.04 -19.78 20.68
N ILE C 146 -9.87 -19.18 20.64
CA ILE C 146 -9.02 -19.22 19.45
C ILE C 146 -8.86 -20.64 18.92
N GLN C 147 -8.48 -21.56 19.80
CA GLN C 147 -8.21 -22.93 19.39
C GLN C 147 -9.46 -23.62 18.84
N VAL C 148 -10.63 -23.24 19.36
CA VAL C 148 -11.89 -23.78 18.85
C VAL C 148 -12.21 -23.21 17.47
N LEU C 149 -12.00 -21.89 17.32
CA LEU C 149 -12.25 -21.21 16.06
C LEU C 149 -11.37 -21.78 14.95
N ASN C 150 -10.07 -21.79 15.20
CA ASN C 150 -9.11 -22.26 14.20
C ASN C 150 -9.34 -23.71 13.80
N GLN C 151 -10.32 -24.33 14.45
CA GLN C 151 -10.73 -25.69 14.12
C GLN C 151 -11.58 -25.65 12.86
N ASP C 152 -12.28 -24.54 12.68
CA ASP C 152 -13.22 -24.34 11.58
C ASP C 152 -12.51 -23.94 10.29
N LYS C 153 -12.06 -24.93 9.54
CA LYS C 153 -11.28 -24.67 8.32
C LYS C 153 -12.05 -23.88 7.26
N TRP C 154 -13.37 -24.08 7.20
CA TRP C 154 -14.17 -23.37 6.20
C TRP C 154 -14.29 -21.88 6.49
N THR C 155 -14.44 -21.53 7.77
CA THR C 155 -14.57 -20.14 8.17
C THR C 155 -13.26 -19.39 7.96
N ARG C 156 -12.15 -20.02 8.34
CA ARG C 156 -10.85 -19.41 8.12
C ARG C 156 -10.61 -19.14 6.65
N GLU C 157 -10.92 -20.13 5.81
CA GLU C 157 -10.76 -19.96 4.36
C GLU C 157 -11.70 -18.91 3.79
N THR C 158 -12.93 -18.85 4.30
CA THR C 158 -13.89 -17.85 3.87
C THR C 158 -13.41 -16.44 4.21
N VAL C 159 -13.03 -16.24 5.47
CA VAL C 159 -12.52 -14.94 5.91
C VAL C 159 -11.30 -14.54 5.10
N GLN C 160 -10.39 -15.48 4.91
CA GLN C 160 -9.19 -15.24 4.13
C GLN C 160 -9.58 -14.75 2.74
N TRP C 161 -10.53 -15.45 2.14
CA TRP C 161 -11.01 -15.16 0.79
C TRP C 161 -11.74 -13.81 0.69
N LEU C 162 -12.40 -13.43 1.77
CA LEU C 162 -13.08 -12.14 1.83
C LEU C 162 -12.10 -10.96 1.86
N LEU C 163 -11.01 -11.13 2.61
CA LEU C 163 -10.08 -10.03 2.85
C LEU C 163 -9.07 -9.81 1.74
N GLN C 164 -8.48 -10.89 1.23
CA GLN C 164 -7.41 -10.76 0.23
C GLN C 164 -7.91 -10.37 -1.16
N GLY C 165 -9.07 -10.90 -1.55
CA GLY C 165 -9.57 -10.68 -2.90
C GLY C 165 -10.85 -9.86 -2.96
N THR C 166 -11.92 -10.41 -2.40
CA THR C 166 -13.23 -9.76 -2.46
C THR C 166 -13.17 -8.29 -2.06
N CYS C 167 -12.66 -8.01 -0.88
CA CYS C 167 -12.65 -6.65 -0.34
C CYS C 167 -12.01 -5.64 -1.30
N PRO C 168 -10.74 -5.88 -1.67
CA PRO C 168 -10.06 -4.96 -2.59
C PRO C 168 -10.91 -4.72 -3.83
N GLN C 169 -11.45 -5.79 -4.40
CA GLN C 169 -12.32 -5.66 -5.58
C GLN C 169 -13.48 -4.72 -5.30
N PHE C 170 -14.25 -5.02 -4.27
CA PHE C 170 -15.41 -4.22 -3.91
C PHE C 170 -15.05 -2.75 -3.69
N VAL C 171 -13.95 -2.51 -2.98
CA VAL C 171 -13.51 -1.15 -2.67
C VAL C 171 -13.13 -0.37 -3.92
N SER C 172 -12.45 -1.03 -4.85
CA SER C 172 -12.09 -0.39 -6.11
C SER C 172 -13.34 -0.04 -6.91
N GLY C 173 -14.36 -0.87 -6.79
CA GLY C 173 -15.63 -0.64 -7.45
C GLY C 173 -16.34 0.58 -6.89
N LEU C 174 -16.15 0.83 -5.59
CA LEU C 174 -16.72 2.00 -4.94
C LEU C 174 -15.95 3.26 -5.31
N LEU C 175 -14.63 3.21 -5.19
CA LEU C 175 -13.79 4.36 -5.50
C LEU C 175 -14.12 4.96 -6.87
N GLU C 176 -14.13 4.13 -7.90
CA GLU C 176 -14.53 4.56 -9.23
C GLU C 176 -15.99 5.00 -9.23
N SER C 177 -16.87 4.07 -8.92
CA SER C 177 -18.30 4.34 -8.85
C SER C 177 -18.59 5.65 -8.12
N GLY C 178 -17.84 5.91 -7.05
CA GLY C 178 -18.11 7.05 -6.20
C GLY C 178 -17.02 8.13 -6.24
N LYS C 179 -16.16 8.07 -7.25
CA LYS C 179 -15.11 9.06 -7.41
C LYS C 179 -15.66 10.46 -7.12
N SER C 180 -16.78 10.77 -7.74
CA SER C 180 -17.45 12.06 -7.59
C SER C 180 -17.58 12.51 -6.13
N GLU C 181 -18.49 11.87 -5.40
CA GLU C 181 -18.84 12.30 -4.06
C GLU C 181 -17.66 12.27 -3.07
N LEU C 182 -16.67 11.44 -3.37
CA LEU C 182 -15.51 11.33 -2.50
C LEU C 182 -14.60 12.56 -2.58
N LYS C 183 -14.43 13.09 -3.78
CA LYS C 183 -13.54 14.23 -4.00
C LYS C 183 -14.30 15.55 -3.93
N LYS C 184 -15.56 15.48 -3.51
CA LYS C 184 -16.38 16.69 -3.38
C LYS C 184 -15.78 17.66 -2.37
N GLN C 185 -16.16 18.94 -2.49
CA GLN C 185 -15.69 19.97 -1.57
C GLN C 185 -16.85 20.87 -1.17
N VAL C 186 -16.95 21.17 0.12
CA VAL C 186 -17.99 22.07 0.62
C VAL C 186 -17.39 23.16 1.51
N LYS C 187 -17.56 24.41 1.11
CA LYS C 187 -16.94 25.54 1.79
C LYS C 187 -17.57 25.83 3.15
N PRO C 188 -16.72 25.98 4.17
CA PRO C 188 -17.12 26.29 5.54
C PRO C 188 -17.49 27.77 5.72
N LYS C 189 -18.34 28.06 6.69
CA LYS C 189 -18.59 29.43 7.11
C LYS C 189 -18.11 29.56 8.54
N ALA C 190 -17.88 30.79 8.99
CA ALA C 190 -17.32 31.01 10.33
C ALA C 190 -17.90 32.26 11.01
N TRP C 191 -18.06 32.17 12.32
CA TRP C 191 -18.52 33.31 13.11
C TRP C 191 -17.76 33.42 14.43
N LEU C 192 -17.81 34.59 15.04
CA LEU C 192 -17.11 34.84 16.29
C LEU C 192 -18.09 34.95 17.45
N SER C 193 -17.61 34.65 18.65
CA SER C 193 -18.40 34.82 19.86
C SER C 193 -17.48 34.96 21.06
N ARG C 194 -18.04 35.43 22.18
CA ARG C 194 -17.28 35.63 23.40
C ARG C 194 -17.56 34.53 24.42
N GLY C 195 -16.52 33.81 24.82
CA GLY C 195 -16.69 32.67 25.72
C GLY C 195 -16.63 33.06 27.19
N PRO C 196 -16.70 32.06 28.08
CA PRO C 196 -16.65 32.29 29.53
C PRO C 196 -15.32 32.90 29.97
N SER C 197 -15.39 33.88 30.85
CA SER C 197 -14.22 34.62 31.31
C SER C 197 -13.15 33.74 31.95
N PRO C 198 -11.96 33.72 31.34
CA PRO C 198 -10.80 33.17 32.05
C PRO C 198 -10.32 34.20 33.06
N GLY C 199 -10.77 35.45 32.86
CA GLY C 199 -10.33 36.63 33.60
C GLY C 199 -10.27 36.48 35.09
N PRO C 200 -10.01 37.58 35.81
CA PRO C 200 -9.89 38.93 35.26
C PRO C 200 -8.45 39.26 34.94
N GLY C 201 -8.21 40.26 34.10
CA GLY C 201 -9.25 40.88 33.30
C GLY C 201 -9.05 40.40 31.89
N ARG C 202 -9.52 39.19 31.60
CA ARG C 202 -9.17 38.51 30.36
C ARG C 202 -10.41 38.21 29.54
N LEU C 203 -10.19 37.82 28.29
CA LEU C 203 -11.26 37.44 27.39
C LEU C 203 -10.99 36.07 26.80
N LEU C 204 -12.06 35.33 26.51
CA LEU C 204 -11.94 34.11 25.72
C LEU C 204 -12.57 34.34 24.35
N LEU C 205 -11.74 34.63 23.37
CA LEU C 205 -12.23 34.81 22.00
C LEU C 205 -12.62 33.43 21.47
N VAL C 206 -13.78 33.34 20.85
CA VAL C 206 -14.24 32.07 20.31
C VAL C 206 -14.49 32.14 18.80
N CYS C 207 -13.96 31.17 18.08
CA CYS C 207 -14.15 31.08 16.64
C CYS C 207 -14.84 29.77 16.24
N HIS C 208 -15.97 29.89 15.56
CA HIS C 208 -16.72 28.71 15.12
C HIS C 208 -16.58 28.54 13.62
N VAL C 209 -16.14 27.36 13.19
CA VAL C 209 -16.04 27.04 11.78
C VAL C 209 -16.93 25.84 11.50
N SER C 210 -17.96 26.02 10.66
CA SER C 210 -18.90 24.93 10.42
C SER C 210 -19.26 24.71 8.95
N GLY C 211 -19.64 23.48 8.63
CA GLY C 211 -20.12 23.14 7.30
C GLY C 211 -19.04 22.80 6.30
N PHE C 212 -17.84 22.51 6.78
CA PHE C 212 -16.75 22.17 5.86
C PHE C 212 -16.69 20.69 5.53
N TYR C 213 -16.12 20.39 4.36
CA TYR C 213 -15.93 19.03 3.89
C TYR C 213 -14.97 19.03 2.72
N PRO C 214 -14.04 18.07 2.69
CA PRO C 214 -13.91 16.98 3.67
C PRO C 214 -13.37 17.43 5.02
N LYS C 215 -12.93 16.48 5.84
CA LYS C 215 -12.70 16.72 7.27
C LYS C 215 -11.45 17.53 7.63
N PRO C 216 -10.31 17.23 7.01
CA PRO C 216 -9.08 17.95 7.41
C PRO C 216 -9.20 19.45 7.21
N VAL C 217 -8.92 20.20 8.27
CA VAL C 217 -9.07 21.65 8.26
C VAL C 217 -8.00 22.30 9.14
N TRP C 218 -7.91 23.63 9.10
CA TRP C 218 -6.89 24.35 9.86
C TRP C 218 -7.44 25.66 10.41
N VAL C 219 -7.49 25.77 11.73
CA VAL C 219 -8.01 26.98 12.39
C VAL C 219 -7.07 27.53 13.45
N LYS C 220 -6.60 28.75 13.25
CA LYS C 220 -5.64 29.35 14.17
C LYS C 220 -5.97 30.81 14.43
N TRP C 221 -5.94 31.21 15.70
CA TRP C 221 -6.05 32.62 16.02
C TRP C 221 -4.75 33.29 15.64
N MET C 222 -4.87 34.46 15.02
CA MET C 222 -3.71 35.13 14.45
C MET C 222 -3.66 36.62 14.80
N ARG C 223 -2.44 37.15 14.84
CA ARG C 223 -2.24 38.58 14.85
C ARG C 223 -1.33 38.86 13.66
N GLY C 224 -1.94 39.19 12.53
CA GLY C 224 -1.18 39.33 11.29
C GLY C 224 -0.72 37.96 10.82
N GLU C 225 0.58 37.83 10.62
CA GLU C 225 1.17 36.57 10.17
C GLU C 225 1.64 35.72 11.34
N GLN C 226 1.39 36.19 12.55
CA GLN C 226 1.84 35.50 13.75
C GLN C 226 0.79 34.55 14.32
N GLU C 227 1.02 33.25 14.13
CA GLU C 227 0.13 32.26 14.72
C GLU C 227 0.14 32.45 16.23
N GLN C 228 -1.04 32.58 16.81
CA GLN C 228 -1.16 32.68 18.26
C GLN C 228 -1.07 31.29 18.89
N GLN C 229 0.13 30.91 19.31
CA GLN C 229 0.26 29.74 20.15
C GLN C 229 -0.61 30.02 21.35
N GLY C 230 -1.42 29.05 21.74
CA GLY C 230 -2.43 29.29 22.75
C GLY C 230 -3.80 29.06 22.15
N THR C 231 -3.87 29.09 20.83
CA THR C 231 -5.09 28.72 20.13
C THR C 231 -5.49 27.35 20.63
N GLN C 232 -6.73 27.20 21.05
CA GLN C 232 -7.20 25.93 21.58
C GLN C 232 -8.36 25.37 20.75
N PRO C 233 -8.02 24.53 19.76
CA PRO C 233 -9.02 23.86 18.93
C PRO C 233 -9.68 22.74 19.71
N GLY C 234 -11.00 22.60 19.57
CA GLY C 234 -11.73 21.52 20.19
C GLY C 234 -11.77 20.29 19.29
N ASP C 235 -12.86 19.54 19.39
CA ASP C 235 -13.04 18.37 18.54
C ASP C 235 -13.72 18.76 17.22
N ILE C 236 -13.36 18.06 16.15
CA ILE C 236 -14.05 18.21 14.89
C ILE C 236 -15.31 17.37 14.94
N LEU C 237 -16.44 18.02 15.19
CA LEU C 237 -17.72 17.34 15.35
C LEU C 237 -18.51 17.22 14.05
N PRO C 238 -19.38 16.21 13.97
CA PRO C 238 -20.18 15.96 12.77
C PRO C 238 -21.46 16.78 12.73
N ASN C 239 -21.83 17.24 11.55
CA ASN C 239 -23.16 17.77 11.31
C ASN C 239 -24.01 16.67 10.67
N ALA C 240 -25.33 16.82 10.71
CA ALA C 240 -26.21 15.79 10.16
C ALA C 240 -25.98 15.57 8.68
N ASP C 241 -25.58 16.62 7.97
CA ASP C 241 -25.43 16.57 6.53
C ASP C 241 -24.03 16.21 6.07
N GLU C 242 -23.31 15.45 6.88
CA GLU C 242 -21.99 14.96 6.49
C GLU C 242 -20.94 16.07 6.32
N THR C 243 -21.09 17.16 7.06
CA THR C 243 -20.05 18.18 7.13
C THR C 243 -19.56 18.30 8.56
N TRP C 244 -18.57 19.16 8.78
CA TRP C 244 -17.91 19.20 10.09
C TRP C 244 -17.96 20.56 10.80
N TYR C 245 -17.72 20.53 12.10
CA TYR C 245 -17.68 21.72 12.93
C TYR C 245 -16.48 21.68 13.85
N LEU C 246 -15.66 22.73 13.81
CA LEU C 246 -14.53 22.86 14.71
C LEU C 246 -14.63 24.19 15.46
N ARG C 247 -14.30 24.17 16.75
CA ARG C 247 -14.25 25.39 17.53
C ARG C 247 -12.82 25.67 17.95
N ALA C 248 -12.44 26.93 18.01
CA ALA C 248 -11.09 27.31 18.39
C ALA C 248 -11.11 28.56 19.26
N THR C 249 -10.71 28.41 20.52
CA THR C 249 -10.72 29.53 21.46
C THR C 249 -9.32 30.09 21.70
N LEU C 250 -9.26 31.27 22.31
CA LEU C 250 -7.99 31.89 22.66
C LEU C 250 -8.12 32.70 23.95
N ASP C 251 -7.32 32.35 24.95
CA ASP C 251 -7.30 33.06 26.22
C ASP C 251 -6.42 34.29 26.06
N VAL C 252 -7.01 35.48 26.23
CA VAL C 252 -6.27 36.72 26.02
C VAL C 252 -6.64 37.84 26.98
N VAL C 253 -5.70 38.75 27.21
CA VAL C 253 -5.93 39.94 28.03
C VAL C 253 -6.84 40.92 27.30
N ALA C 254 -7.86 41.41 27.99
CA ALA C 254 -8.86 42.31 27.40
C ALA C 254 -8.25 43.22 26.33
N GLY C 255 -7.34 44.08 26.75
CA GLY C 255 -6.73 45.04 25.85
C GLY C 255 -6.26 44.46 24.53
N GLU C 256 -5.53 43.35 24.60
CA GLU C 256 -4.82 42.80 23.44
C GLU C 256 -5.70 42.09 22.41
N ALA C 257 -7.02 42.19 22.54
CA ALA C 257 -7.93 41.48 21.64
C ALA C 257 -7.95 42.09 20.23
N ALA C 258 -8.00 43.41 20.15
CA ALA C 258 -8.01 44.10 18.87
C ALA C 258 -6.78 43.72 18.06
N GLY C 259 -6.98 43.37 16.79
CA GLY C 259 -5.88 42.99 15.93
C GLY C 259 -5.81 41.50 15.72
N LEU C 260 -6.40 40.76 16.66
CA LEU C 260 -6.47 39.31 16.56
C LEU C 260 -7.52 38.92 15.52
N SER C 261 -7.23 37.87 14.75
CA SER C 261 -8.17 37.39 13.76
C SER C 261 -8.19 35.87 13.70
N CYS C 262 -9.37 35.31 13.48
CA CYS C 262 -9.51 33.87 13.27
C CYS C 262 -9.22 33.55 11.81
N ARG C 263 -8.27 32.65 11.57
CA ARG C 263 -7.92 32.26 10.21
C ARG C 263 -8.30 30.80 9.94
N VAL C 264 -9.01 30.59 8.84
CA VAL C 264 -9.45 29.25 8.48
C VAL C 264 -8.94 28.83 7.11
N LYS C 265 -8.03 27.87 7.10
CA LYS C 265 -7.55 27.28 5.85
C LYS C 265 -8.28 25.97 5.60
N HIS C 266 -8.66 25.73 4.35
CA HIS C 266 -9.36 24.50 3.99
C HIS C 266 -9.24 24.21 2.50
N SER C 267 -9.40 22.94 2.15
CA SER C 267 -9.31 22.53 0.75
C SER C 267 -10.41 23.18 -0.09
N SER C 268 -11.49 23.58 0.56
CA SER C 268 -12.63 24.20 -0.11
C SER C 268 -12.30 25.62 -0.61
N LEU C 269 -11.77 26.44 0.28
CA LEU C 269 -11.57 27.85 0.02
C LEU C 269 -10.61 28.11 -1.15
N GLU C 270 -9.81 27.12 -1.49
CA GLU C 270 -8.91 27.21 -2.63
C GLU C 270 -8.11 28.51 -2.66
N GLY C 271 -7.21 28.69 -1.70
CA GLY C 271 -6.35 29.86 -1.67
C GLY C 271 -6.88 31.00 -0.82
N GLN C 272 -8.18 31.24 -0.89
CA GLN C 272 -8.80 32.33 -0.14
C GLN C 272 -9.21 31.93 1.26
N ASP C 273 -8.26 31.97 2.18
CA ASP C 273 -8.52 31.70 3.59
C ASP C 273 -9.64 32.60 4.08
N ILE C 274 -10.40 32.11 5.07
CA ILE C 274 -11.37 32.95 5.76
C ILE C 274 -10.64 33.71 6.86
N VAL C 275 -10.80 35.02 6.91
CA VAL C 275 -10.18 35.82 7.96
C VAL C 275 -11.18 36.71 8.68
N LEU C 276 -11.54 36.34 9.90
CA LEU C 276 -12.44 37.14 10.73
C LEU C 276 -11.68 37.95 11.78
N TYR C 277 -11.91 39.26 11.81
CA TYR C 277 -11.27 40.11 12.80
C TYR C 277 -12.15 40.25 14.03
N TRP C 278 -11.55 40.09 15.20
CA TRP C 278 -12.28 40.26 16.46
C TRP C 278 -12.94 41.63 16.51
N HIS C 279 -14.13 41.71 17.10
CA HIS C 279 -14.91 42.93 17.07
C HIS C 279 -15.66 43.21 18.36
N HIS C 280 -16.34 42.23 18.95
CA HIS C 280 -16.30 40.82 18.54
C HIS C 280 -16.56 40.57 17.06
N PRO D 3 -12.14 2.39 33.40
CA PRO D 3 -11.58 1.46 32.42
C PRO D 3 -12.67 0.73 31.64
N ILE D 4 -13.24 -0.31 32.23
CA ILE D 4 -14.23 -1.13 31.53
C ILE D 4 -15.49 -0.34 31.19
N GLN D 5 -16.04 0.37 32.16
CA GLN D 5 -17.17 1.25 31.90
C GLN D 5 -16.64 2.61 31.46
N ARG D 6 -17.06 3.07 30.28
CA ARG D 6 -16.62 4.36 29.77
C ARG D 6 -17.77 5.38 29.68
N THR D 7 -17.55 6.54 30.28
CA THR D 7 -18.61 7.55 30.39
C THR D 7 -18.68 8.46 29.17
N PRO D 8 -19.91 8.87 28.80
CA PRO D 8 -20.20 9.65 27.59
C PRO D 8 -19.76 11.11 27.66
N LYS D 9 -19.10 11.56 26.60
CA LYS D 9 -18.82 12.98 26.43
C LYS D 9 -20.02 13.57 25.73
N ILE D 10 -20.47 14.74 26.18
CA ILE D 10 -21.68 15.33 25.62
C ILE D 10 -21.44 16.75 25.12
N GLN D 11 -21.51 16.91 23.80
CA GLN D 11 -21.23 18.20 23.17
C GLN D 11 -22.41 18.71 22.38
N VAL D 12 -22.89 19.89 22.75
CA VAL D 12 -24.05 20.49 22.09
C VAL D 12 -23.65 21.69 21.24
N TYR D 13 -24.15 21.72 20.00
CA TYR D 13 -23.84 22.81 19.08
C TYR D 13 -24.91 22.90 18.00
N SER D 14 -25.01 24.04 17.35
CA SER D 14 -25.99 24.25 16.29
C SER D 14 -25.34 24.17 14.91
N ARG D 15 -26.14 23.86 13.90
CA ARG D 15 -25.63 23.75 12.54
C ARG D 15 -25.12 25.08 12.02
N HIS D 16 -25.91 26.14 12.23
CA HIS D 16 -25.53 27.48 11.79
C HIS D 16 -25.53 28.48 12.95
N PRO D 17 -24.90 29.63 12.73
CA PRO D 17 -24.86 30.71 13.72
C PRO D 17 -26.26 31.03 14.19
N ALA D 18 -26.51 30.88 15.50
CA ALA D 18 -27.81 31.18 16.05
C ALA D 18 -28.24 32.60 15.70
N GLU D 19 -29.42 32.73 15.12
CA GLU D 19 -30.03 34.03 14.87
C GLU D 19 -31.46 33.98 15.34
N ASN D 20 -31.75 34.67 16.43
CA ASN D 20 -33.09 34.64 17.02
C ASN D 20 -34.21 34.78 15.97
N GLY D 21 -34.97 33.71 15.78
CA GLY D 21 -36.08 33.72 14.87
C GLY D 21 -35.84 32.94 13.58
N LYS D 22 -34.57 32.78 13.21
CA LYS D 22 -34.22 32.08 11.99
C LYS D 22 -34.05 30.58 12.23
N SER D 23 -34.72 29.77 11.41
CA SER D 23 -34.66 28.31 11.53
C SER D 23 -33.22 27.80 11.53
N ASN D 24 -32.99 26.71 12.25
CA ASN D 24 -31.64 26.18 12.42
C ASN D 24 -31.69 24.70 12.77
N PHE D 25 -30.53 24.09 12.96
CA PHE D 25 -30.45 22.70 13.40
C PHE D 25 -29.66 22.58 14.71
N LEU D 26 -30.21 21.83 15.66
CA LEU D 26 -29.55 21.62 16.94
C LEU D 26 -28.92 20.24 17.00
N ASN D 27 -27.62 20.19 17.27
CA ASN D 27 -26.90 18.93 17.34
C ASN D 27 -26.47 18.58 18.76
N CYS D 28 -26.52 17.29 19.09
CA CYS D 28 -25.93 16.79 20.32
C CYS D 28 -25.05 15.60 19.99
N TYR D 29 -23.75 15.73 20.23
CA TYR D 29 -22.81 14.67 19.92
C TYR D 29 -22.37 13.94 21.18
N VAL D 30 -22.81 12.70 21.33
CA VAL D 30 -22.48 11.88 22.48
C VAL D 30 -21.48 10.80 22.07
N SER D 31 -20.29 10.83 22.68
CA SER D 31 -19.21 9.97 22.21
C SER D 31 -18.35 9.38 23.33
N GLY D 32 -17.48 8.45 22.96
CA GLY D 32 -16.52 7.85 23.86
C GLY D 32 -17.12 7.10 25.04
N PHE D 33 -18.34 6.59 24.85
CA PHE D 33 -18.99 5.82 25.91
C PHE D 33 -18.97 4.33 25.60
N HIS D 34 -19.19 3.53 26.63
CA HIS D 34 -19.20 2.08 26.52
C HIS D 34 -19.70 1.54 27.86
N PRO D 35 -20.65 0.60 27.83
CA PRO D 35 -21.20 -0.08 26.65
C PRO D 35 -22.24 0.75 25.89
N SER D 36 -22.71 0.20 24.78
CA SER D 36 -23.54 0.93 23.82
C SER D 36 -24.92 1.37 24.31
N ASP D 37 -25.45 0.70 25.34
CA ASP D 37 -26.79 1.05 25.81
C ASP D 37 -26.83 2.48 26.35
N ILE D 38 -27.57 3.34 25.67
CA ILE D 38 -27.63 4.75 26.05
C ILE D 38 -28.98 5.40 25.77
N GLU D 39 -29.34 6.38 26.60
CA GLU D 39 -30.56 7.14 26.42
C GLU D 39 -30.19 8.60 26.17
N VAL D 40 -30.76 9.18 25.10
CA VAL D 40 -30.43 10.54 24.72
C VAL D 40 -31.65 11.33 24.25
N ASP D 41 -31.96 12.42 24.94
CA ASP D 41 -33.07 13.28 24.56
C ASP D 41 -32.62 14.72 24.35
N LEU D 42 -33.26 15.41 23.42
CA LEU D 42 -33.08 16.85 23.26
C LEU D 42 -34.21 17.56 23.97
N LEU D 43 -33.86 18.56 24.77
CA LEU D 43 -34.85 19.28 25.56
C LEU D 43 -35.09 20.69 25.03
N LYS D 44 -36.34 21.14 25.13
CA LYS D 44 -36.67 22.54 24.93
C LYS D 44 -37.30 23.03 26.22
N ASN D 45 -36.56 23.85 26.96
CA ASN D 45 -37.02 24.31 28.26
C ASN D 45 -37.32 23.13 29.19
N GLY D 46 -36.46 22.12 29.14
CA GLY D 46 -36.56 20.99 30.04
C GLY D 46 -37.47 19.88 29.58
N GLU D 47 -38.20 20.10 28.49
CA GLU D 47 -39.16 19.11 28.00
C GLU D 47 -38.68 18.39 26.74
N ARG D 48 -38.86 17.07 26.73
CA ARG D 48 -38.44 16.24 25.61
C ARG D 48 -39.01 16.73 24.29
N ILE D 49 -38.14 16.94 23.30
CA ILE D 49 -38.58 17.21 21.94
C ILE D 49 -38.94 15.88 21.29
N GLU D 50 -40.05 15.85 20.56
CA GLU D 50 -40.55 14.59 20.01
C GLU D 50 -39.79 14.13 18.76
N LYS D 51 -40.03 14.80 17.64
CA LYS D 51 -39.41 14.40 16.38
C LYS D 51 -37.92 14.69 16.37
N VAL D 52 -37.12 13.69 16.77
CA VAL D 52 -35.68 13.85 16.83
C VAL D 52 -34.96 12.70 16.12
N GLU D 53 -34.14 13.04 15.14
CA GLU D 53 -33.39 12.03 14.40
C GLU D 53 -32.00 11.81 14.99
N HIS D 54 -31.43 10.64 14.72
CA HIS D 54 -30.09 10.31 15.19
C HIS D 54 -29.38 9.42 14.19
N SER D 55 -28.06 9.58 14.08
CA SER D 55 -27.26 8.77 13.19
C SER D 55 -27.16 7.34 13.70
N ASP D 56 -26.67 6.44 12.86
CA ASP D 56 -26.53 5.04 13.24
C ASP D 56 -25.38 4.87 14.23
N LEU D 57 -25.62 4.12 15.29
CA LEU D 57 -24.61 3.86 16.30
C LEU D 57 -23.31 3.42 15.65
N SER D 58 -22.21 4.04 16.05
CA SER D 58 -20.91 3.73 15.49
C SER D 58 -19.87 3.70 16.59
N PHE D 59 -18.63 3.35 16.26
CA PHE D 59 -17.55 3.37 17.23
C PHE D 59 -16.19 3.69 16.62
N SER D 60 -15.34 4.32 17.40
CA SER D 60 -14.01 4.75 16.94
C SER D 60 -13.03 3.59 17.04
N LYS D 61 -11.79 3.82 16.61
CA LYS D 61 -10.78 2.78 16.63
C LYS D 61 -10.54 2.22 18.04
N ASP D 62 -10.90 3.01 19.05
CA ASP D 62 -10.72 2.59 20.44
C ASP D 62 -11.98 1.89 20.98
N TRP D 63 -12.84 1.49 20.06
CA TRP D 63 -14.04 0.70 20.39
C TRP D 63 -15.11 1.43 21.20
N SER D 64 -14.90 2.71 21.50
CA SER D 64 -15.93 3.49 22.17
C SER D 64 -16.99 3.97 21.17
N PHE D 65 -18.23 4.12 21.63
CA PHE D 65 -19.34 4.45 20.74
C PHE D 65 -19.55 5.95 20.60
N TYR D 66 -20.19 6.34 19.50
CA TYR D 66 -20.57 7.74 19.30
C TYR D 66 -21.89 7.88 18.54
N LEU D 67 -22.71 8.85 18.95
CA LEU D 67 -24.02 9.08 18.37
C LEU D 67 -24.22 10.55 18.05
N LEU D 68 -24.78 10.84 16.88
CA LEU D 68 -25.18 12.20 16.56
C LEU D 68 -26.69 12.34 16.59
N TYR D 69 -27.18 13.16 17.51
CA TYR D 69 -28.60 13.48 17.58
C TYR D 69 -28.83 14.90 17.08
N TYR D 70 -29.85 15.07 16.25
CA TYR D 70 -30.15 16.37 15.67
C TYR D 70 -31.64 16.60 15.44
N THR D 71 -32.04 17.86 15.46
CA THR D 71 -33.43 18.21 15.16
C THR D 71 -33.54 19.65 14.68
N GLU D 72 -34.60 19.92 13.93
CA GLU D 72 -34.93 21.28 13.53
C GLU D 72 -35.30 22.08 14.77
N PHE D 73 -34.88 23.34 14.82
CA PHE D 73 -35.26 24.22 15.91
C PHE D 73 -35.03 25.68 15.57
N THR D 74 -35.74 26.57 16.26
CA THR D 74 -35.63 28.00 16.03
C THR D 74 -35.22 28.72 17.31
N PRO D 75 -33.94 29.10 17.40
CA PRO D 75 -33.40 29.81 18.55
C PRO D 75 -34.08 31.16 18.80
N THR D 76 -34.37 31.42 20.08
CA THR D 76 -34.97 32.68 20.50
C THR D 76 -34.30 33.12 21.78
N GLU D 77 -34.61 34.32 22.26
CA GLU D 77 -34.00 34.80 23.49
C GLU D 77 -34.54 34.05 24.70
N LYS D 78 -35.85 33.81 24.71
CA LYS D 78 -36.50 33.14 25.83
C LYS D 78 -36.18 31.65 25.87
N ASP D 79 -36.39 30.97 24.74
CA ASP D 79 -36.26 29.52 24.67
C ASP D 79 -34.85 28.99 24.96
N GLU D 80 -34.77 27.95 25.78
CA GLU D 80 -33.50 27.39 26.18
C GLU D 80 -33.42 25.92 25.78
N TYR D 81 -32.31 25.54 25.15
CA TYR D 81 -32.16 24.18 24.64
C TYR D 81 -30.99 23.44 25.27
N ALA D 82 -31.18 22.15 25.51
CA ALA D 82 -30.16 21.33 26.15
C ALA D 82 -30.22 19.90 25.65
N CYS D 83 -29.29 19.08 26.14
CA CYS D 83 -29.22 17.67 25.79
C CYS D 83 -29.13 16.86 27.08
N ARG D 84 -29.91 15.80 27.18
CA ARG D 84 -29.96 15.00 28.41
C ARG D 84 -29.59 13.55 28.15
N VAL D 85 -28.55 13.08 28.80
CA VAL D 85 -28.04 11.74 28.55
C VAL D 85 -28.03 10.87 29.80
N ASN D 86 -28.60 9.67 29.68
CA ASN D 86 -28.57 8.70 30.75
C ASN D 86 -27.73 7.49 30.34
N HIS D 87 -26.82 7.08 31.22
CA HIS D 87 -25.92 5.98 30.94
C HIS D 87 -25.59 5.23 32.24
N VAL D 88 -25.15 3.99 32.11
CA VAL D 88 -24.85 3.17 33.28
C VAL D 88 -23.70 3.75 34.12
N THR D 89 -22.90 4.61 33.50
CA THR D 89 -21.75 5.20 34.18
C THR D 89 -22.13 6.41 35.03
N LEU D 90 -23.34 6.92 34.81
CA LEU D 90 -23.77 8.15 35.47
C LEU D 90 -24.68 7.87 36.67
N SER D 91 -24.42 8.57 37.76
CA SER D 91 -25.26 8.46 38.95
C SER D 91 -26.68 8.89 38.63
N GLN D 92 -26.81 9.77 37.64
CA GLN D 92 -28.11 10.25 37.19
C GLN D 92 -27.96 11.00 35.88
N PRO D 93 -29.04 11.11 35.10
CA PRO D 93 -28.99 11.74 33.77
C PRO D 93 -28.26 13.07 33.82
N LYS D 94 -27.38 13.31 32.85
CA LYS D 94 -26.65 14.57 32.78
C LYS D 94 -27.26 15.48 31.72
N ILE D 95 -27.37 16.76 32.03
CA ILE D 95 -27.96 17.73 31.10
C ILE D 95 -26.96 18.80 30.70
N VAL D 96 -26.61 18.83 29.42
CA VAL D 96 -25.71 19.85 28.90
C VAL D 96 -26.48 20.91 28.12
N LYS D 97 -26.49 22.13 28.65
CA LYS D 97 -27.20 23.24 28.00
C LYS D 97 -26.44 23.73 26.78
N TRP D 98 -27.19 24.11 25.74
CA TRP D 98 -26.58 24.67 24.54
C TRP D 98 -26.30 26.16 24.72
N ASP D 99 -25.19 26.62 24.15
CA ASP D 99 -24.79 28.02 24.30
C ASP D 99 -24.20 28.60 23.02
N ARG D 100 -24.92 29.53 22.41
CA ARG D 100 -24.45 30.20 21.19
C ARG D 100 -23.01 30.64 21.32
N ASP D 101 -22.66 31.11 22.51
CA ASP D 101 -21.38 31.79 22.72
C ASP D 101 -20.21 30.84 22.99
N MET D 102 -20.52 29.60 23.35
CA MET D 102 -19.49 28.58 23.54
C MET D 102 -19.96 27.21 23.10
N LEU E 8 -22.61 -23.83 -22.67
CA LEU E 8 -21.54 -23.17 -21.94
C LEU E 8 -20.28 -23.03 -22.78
N PHE E 9 -19.71 -21.83 -22.77
CA PHE E 9 -18.48 -21.58 -23.51
C PHE E 9 -17.34 -21.19 -22.55
N PRO E 10 -16.39 -22.11 -22.36
CA PRO E 10 -15.25 -21.90 -21.46
C PRO E 10 -14.13 -21.09 -22.11
N LEU E 11 -13.56 -20.16 -21.35
CA LEU E 11 -12.39 -19.41 -21.83
C LEU E 11 -11.11 -20.01 -21.27
N ARG E 12 -10.28 -20.54 -22.15
CA ARG E 12 -8.99 -21.09 -21.76
C ARG E 12 -7.86 -20.23 -22.31
N CYS E 13 -7.04 -19.69 -21.41
CA CYS E 13 -5.88 -18.90 -21.80
C CYS E 13 -4.61 -19.74 -21.68
N LEU E 14 -3.98 -20.01 -22.82
CA LEU E 14 -2.82 -20.89 -22.86
C LEU E 14 -1.53 -20.10 -23.06
N GLN E 15 -0.47 -20.55 -22.39
CA GLN E 15 0.84 -19.93 -22.50
C GLN E 15 1.93 -20.98 -22.70
N ILE E 16 2.72 -20.81 -23.76
CA ILE E 16 3.83 -21.72 -24.02
C ILE E 16 5.16 -20.99 -23.86
N SER E 17 5.87 -21.32 -22.78
CA SER E 17 7.16 -20.71 -22.51
C SER E 17 8.29 -21.74 -22.66
N SER E 18 9.12 -21.54 -23.67
CA SER E 18 10.20 -22.47 -23.95
C SER E 18 11.56 -21.86 -23.59
N PHE E 19 12.23 -22.45 -22.60
CA PHE E 19 13.55 -22.00 -22.21
C PHE E 19 14.63 -22.97 -22.69
N ALA E 20 15.44 -22.53 -23.65
CA ALA E 20 16.48 -23.37 -24.23
C ALA E 20 17.72 -23.37 -23.36
N ASN E 21 18.39 -22.22 -23.29
CA ASN E 21 19.52 -22.05 -22.37
C ASN E 21 19.36 -20.78 -21.52
N SER E 22 20.39 -20.43 -20.78
CA SER E 22 20.32 -19.26 -19.90
C SER E 22 19.85 -18.01 -20.64
N SER E 23 20.18 -17.94 -21.93
CA SER E 23 19.98 -16.71 -22.70
C SER E 23 18.81 -16.80 -23.67
N TRP E 24 18.39 -18.01 -24.02
CA TRP E 24 17.40 -18.19 -25.07
C TRP E 24 16.03 -18.63 -24.55
N THR E 25 15.04 -17.75 -24.67
CA THR E 25 13.69 -18.05 -24.20
C THR E 25 12.64 -17.58 -25.21
N ARG E 26 11.48 -18.22 -25.17
CA ARG E 26 10.35 -17.83 -26.00
C ARG E 26 9.04 -18.04 -25.24
N THR E 27 8.24 -16.99 -25.13
CA THR E 27 6.93 -17.09 -24.48
C THR E 27 5.82 -16.67 -25.43
N ASP E 28 5.08 -17.66 -25.93
CA ASP E 28 3.96 -17.41 -26.82
C ASP E 28 2.65 -17.84 -26.16
N GLY E 29 1.55 -17.24 -26.59
CA GLY E 29 0.26 -17.55 -26.01
C GLY E 29 -0.91 -17.46 -26.96
N LEU E 30 -2.09 -17.83 -26.46
CA LEU E 30 -3.33 -17.76 -27.22
C LEU E 30 -4.49 -18.08 -26.28
N ALA E 31 -5.68 -17.61 -26.64
CA ALA E 31 -6.87 -17.85 -25.82
C ALA E 31 -7.99 -18.50 -26.63
N TRP E 32 -8.72 -19.41 -25.99
CA TRP E 32 -9.81 -20.12 -26.64
C TRP E 32 -11.13 -19.90 -25.92
N LEU E 33 -12.11 -19.35 -26.65
CA LEU E 33 -13.47 -19.26 -26.12
C LEU E 33 -14.32 -20.36 -26.72
N GLY E 34 -14.51 -21.45 -25.97
CA GLY E 34 -15.15 -22.63 -26.50
C GLY E 34 -14.18 -23.39 -27.37
N GLU E 35 -14.46 -23.44 -28.67
CA GLU E 35 -13.57 -24.10 -29.62
C GLU E 35 -12.96 -23.07 -30.57
N LEU E 36 -13.38 -21.82 -30.42
CA LEU E 36 -12.87 -20.73 -31.24
C LEU E 36 -11.69 -20.03 -30.56
N GLN E 37 -10.60 -19.86 -31.30
CA GLN E 37 -9.46 -19.09 -30.82
C GLN E 37 -9.71 -17.60 -31.00
N THR E 38 -9.82 -16.88 -29.90
CA THR E 38 -10.18 -15.46 -29.97
C THR E 38 -8.97 -14.53 -29.90
N HIS E 39 -7.84 -15.03 -29.39
CA HIS E 39 -6.67 -14.17 -29.19
C HIS E 39 -5.35 -14.86 -29.51
N SER E 40 -4.35 -14.06 -29.86
CA SER E 40 -3.02 -14.57 -30.19
C SER E 40 -1.93 -13.68 -29.57
N TRP E 41 -0.90 -14.31 -29.03
CA TRP E 41 0.16 -13.60 -28.32
C TRP E 41 1.53 -14.23 -28.60
N SER E 42 2.39 -13.48 -29.29
CA SER E 42 3.73 -13.96 -29.62
C SER E 42 4.79 -13.04 -29.03
N GLN E 43 5.92 -13.63 -28.63
CA GLN E 43 6.99 -12.85 -27.99
C GLN E 43 7.68 -11.92 -28.98
N ASP E 44 7.20 -11.90 -30.22
CA ASP E 44 7.71 -10.97 -31.21
C ASP E 44 7.01 -9.63 -31.08
N SER E 45 5.76 -9.68 -30.63
CA SER E 45 4.95 -8.47 -30.48
C SER E 45 4.95 -7.97 -29.04
N ASP E 46 4.63 -6.69 -28.89
CA ASP E 46 4.49 -6.10 -27.56
C ASP E 46 3.01 -5.83 -27.30
N THR E 47 2.17 -6.47 -28.11
CA THR E 47 0.72 -6.27 -28.03
C THR E 47 -0.02 -7.60 -28.12
N VAL E 48 -1.30 -7.59 -27.76
CA VAL E 48 -2.13 -8.79 -27.84
C VAL E 48 -3.11 -8.72 -29.00
N ARG E 49 -2.95 -9.64 -29.95
CA ARG E 49 -3.74 -9.63 -31.17
C ARG E 49 -5.15 -10.19 -30.98
N SER E 50 -6.13 -9.47 -31.52
CA SER E 50 -7.50 -9.97 -31.57
C SER E 50 -7.72 -10.63 -32.93
N LEU E 51 -8.34 -11.80 -32.92
CA LEU E 51 -8.53 -12.56 -34.16
C LEU E 51 -9.97 -12.50 -34.66
N LYS E 52 -10.88 -12.06 -33.79
CA LYS E 52 -12.27 -11.87 -34.16
C LYS E 52 -12.67 -10.43 -33.85
N PRO E 53 -13.57 -9.86 -34.67
CA PRO E 53 -14.03 -8.50 -34.41
C PRO E 53 -14.67 -8.34 -33.02
N TRP E 54 -15.23 -9.41 -32.49
CA TRP E 54 -15.88 -9.38 -31.19
C TRP E 54 -14.94 -9.71 -30.03
N SER E 55 -13.65 -9.76 -30.32
CA SER E 55 -12.64 -10.20 -29.35
C SER E 55 -12.45 -9.23 -28.19
N GLN E 56 -12.89 -7.99 -28.35
CA GLN E 56 -12.67 -6.96 -27.34
C GLN E 56 -13.71 -7.00 -26.22
N GLY E 57 -14.76 -7.78 -26.42
CA GLY E 57 -15.82 -7.90 -25.44
C GLY E 57 -16.48 -6.56 -25.13
N THR E 58 -16.88 -6.37 -23.89
CA THR E 58 -17.52 -5.12 -23.47
C THR E 58 -16.47 -4.14 -22.97
N PHE E 59 -15.24 -4.62 -22.82
CA PHE E 59 -14.15 -3.79 -22.31
C PHE E 59 -13.82 -2.64 -23.25
N SER E 60 -13.50 -1.48 -22.66
CA SER E 60 -13.24 -0.28 -23.43
C SER E 60 -11.74 -0.06 -23.66
N ASP E 61 -11.41 0.59 -24.78
CA ASP E 61 -10.02 0.89 -25.12
C ASP E 61 -9.22 1.28 -23.89
N GLN E 63 -9.73 0.33 -20.99
CA GLN E 63 -9.61 -0.85 -20.16
C GLN E 63 -8.78 -1.94 -20.85
N TRP E 64 -8.68 -1.86 -22.17
CA TRP E 64 -7.93 -2.85 -22.94
C TRP E 64 -6.43 -2.60 -22.88
N GLU E 65 -6.05 -1.40 -22.46
CA GLU E 65 -4.63 -1.06 -22.32
C GLU E 65 -4.13 -1.39 -20.91
N THR E 66 -5.06 -1.57 -19.98
CA THR E 66 -4.72 -1.98 -18.63
C THR E 66 -4.37 -3.46 -18.61
N LEU E 67 -4.98 -4.22 -19.52
CA LEU E 67 -4.67 -5.62 -19.70
C LEU E 67 -3.57 -5.77 -20.74
N GLN E 68 -3.59 -4.88 -21.73
CA GLN E 68 -2.56 -4.85 -22.76
C GLN E 68 -1.19 -4.62 -22.15
N HIS E 69 -1.15 -3.80 -21.10
CA HIS E 69 0.11 -3.47 -20.43
C HIS E 69 0.56 -4.60 -19.52
N ILE E 70 -0.31 -5.03 -18.62
CA ILE E 70 0.01 -6.10 -17.68
C ILE E 70 0.78 -7.24 -18.33
N PHE E 71 0.31 -7.67 -19.49
CA PHE E 71 0.95 -8.75 -20.23
C PHE E 71 2.37 -8.40 -20.66
N ARG E 72 2.49 -7.34 -21.45
CA ARG E 72 3.80 -6.87 -21.91
C ARG E 72 4.81 -6.91 -20.77
N VAL E 73 4.34 -6.67 -19.56
CA VAL E 73 5.21 -6.63 -18.38
C VAL E 73 5.25 -7.97 -17.64
N TYR E 74 4.11 -8.63 -17.54
CA TYR E 74 4.05 -9.94 -16.89
C TYR E 74 4.96 -10.94 -17.59
N ARG E 75 4.98 -10.87 -18.92
CA ARG E 75 5.83 -11.76 -19.71
C ARG E 75 7.29 -11.61 -19.32
N SER E 76 7.72 -10.36 -19.14
CA SER E 76 9.09 -10.07 -18.74
C SER E 76 9.36 -10.62 -17.34
N SER E 77 8.55 -10.21 -16.37
CA SER E 77 8.70 -10.66 -15.00
C SER E 77 8.77 -12.18 -14.92
N PHE E 78 7.84 -12.84 -15.60
CA PHE E 78 7.81 -14.30 -15.63
C PHE E 78 9.14 -14.86 -16.12
N THR E 79 9.63 -14.34 -17.24
CA THR E 79 10.86 -14.82 -17.84
C THR E 79 12.07 -14.60 -16.92
N ARG E 80 12.18 -13.40 -16.37
CA ARG E 80 13.27 -13.10 -15.45
C ARG E 80 13.20 -13.97 -14.21
N ASP E 81 11.99 -14.18 -13.70
CA ASP E 81 11.80 -14.96 -12.47
C ASP E 81 12.08 -16.44 -12.65
N VAL E 82 11.76 -16.98 -13.82
CA VAL E 82 12.02 -18.40 -14.09
C VAL E 82 13.52 -18.63 -14.23
N LYS E 83 14.19 -17.76 -14.98
CA LYS E 83 15.64 -17.84 -15.13
C LYS E 83 16.30 -17.87 -13.77
N GLU E 84 15.76 -17.08 -12.84
CA GLU E 84 16.35 -16.94 -11.52
C GLU E 84 16.10 -18.17 -10.66
N PHE E 85 14.87 -18.68 -10.70
CA PHE E 85 14.56 -19.96 -10.07
C PHE E 85 15.53 -21.00 -10.60
N ALA E 86 15.65 -21.05 -11.92
CA ALA E 86 16.52 -21.99 -12.60
C ALA E 86 17.93 -21.97 -12.01
N LYS E 87 18.52 -20.78 -11.93
CA LYS E 87 19.88 -20.64 -11.42
C LYS E 87 19.96 -20.95 -9.93
N MET E 88 18.86 -20.72 -9.21
CA MET E 88 18.86 -20.87 -7.77
C MET E 88 18.66 -22.32 -7.31
N LEU E 89 17.61 -22.95 -7.81
CA LEU E 89 17.29 -24.32 -7.42
C LEU E 89 17.99 -25.34 -8.33
N ARG E 90 18.81 -24.83 -9.25
CA ARG E 90 19.60 -25.67 -10.14
C ARG E 90 18.77 -26.56 -11.06
N LEU E 91 17.76 -25.98 -11.70
CA LEU E 91 17.00 -26.69 -12.71
C LEU E 91 17.76 -26.63 -14.03
N SER E 92 18.09 -27.79 -14.59
CA SER E 92 18.88 -27.84 -15.81
C SER E 92 18.05 -27.58 -17.06
N TYR E 93 18.50 -26.64 -17.89
CA TYR E 93 17.87 -26.41 -19.20
C TYR E 93 18.07 -27.65 -20.06
N PRO E 94 17.26 -27.78 -21.12
CA PRO E 94 16.17 -26.86 -21.47
C PRO E 94 14.88 -27.27 -20.77
N LEU E 95 13.93 -26.34 -20.67
CA LEU E 95 12.69 -26.61 -19.93
C LEU E 95 11.47 -25.95 -20.58
N GLU E 96 10.33 -26.64 -20.48
CA GLU E 96 9.08 -26.19 -21.08
C GLU E 96 8.03 -25.89 -20.01
N LEU E 97 7.79 -24.61 -19.76
CA LEU E 97 6.73 -24.21 -18.84
C LEU E 97 5.44 -23.98 -19.60
N GLN E 98 4.34 -24.47 -19.04
CA GLN E 98 3.03 -24.29 -19.66
C GLN E 98 2.02 -23.76 -18.67
N VAL E 99 1.24 -22.77 -19.09
CA VAL E 99 0.19 -22.22 -18.24
C VAL E 99 -1.16 -22.40 -18.90
N SER E 100 -2.18 -22.69 -18.09
CA SER E 100 -3.54 -22.82 -18.57
C SER E 100 -4.48 -22.25 -17.52
N ALA E 101 -5.03 -21.07 -17.80
CA ALA E 101 -5.90 -20.39 -16.85
C ALA E 101 -7.11 -19.80 -17.57
N GLY E 102 -8.16 -19.51 -16.80
CA GLY E 102 -9.36 -18.94 -17.36
C GLY E 102 -10.58 -19.26 -16.53
N CYS E 103 -11.76 -19.01 -17.10
CA CYS E 103 -13.00 -19.22 -16.38
C CYS E 103 -14.15 -19.65 -17.30
N GLU E 104 -15.28 -19.96 -16.69
CA GLU E 104 -16.44 -20.44 -17.40
C GLU E 104 -17.69 -19.82 -16.78
N VAL E 105 -18.31 -18.90 -17.50
CA VAL E 105 -19.54 -18.27 -17.02
C VAL E 105 -20.73 -19.20 -17.27
N HIS E 106 -21.45 -19.51 -16.20
CA HIS E 106 -22.55 -20.47 -16.29
C HIS E 106 -23.91 -19.84 -16.01
N SER E 111 -20.19 -19.19 -11.28
CA SER E 111 -18.91 -18.89 -11.91
C SER E 111 -17.83 -19.90 -11.54
N ASN E 112 -17.09 -20.36 -12.54
CA ASN E 112 -16.04 -21.36 -12.35
C ASN E 112 -14.74 -20.89 -13.01
N ASN E 113 -13.64 -20.97 -12.26
CA ASN E 113 -12.35 -20.51 -12.77
C ASN E 113 -11.19 -21.43 -12.38
N PHE E 114 -10.00 -21.14 -12.90
CA PHE E 114 -8.85 -21.99 -12.66
C PHE E 114 -7.55 -21.37 -13.16
N PHE E 115 -6.43 -21.86 -12.62
CA PHE E 115 -5.10 -21.42 -13.04
C PHE E 115 -4.10 -22.56 -12.84
N HIS E 116 -3.79 -23.29 -13.91
CA HIS E 116 -2.87 -24.41 -13.83
C HIS E 116 -1.57 -24.11 -14.55
N VAL E 117 -0.45 -24.46 -13.93
CA VAL E 117 0.84 -24.39 -14.62
C VAL E 117 1.52 -25.75 -14.62
N ALA E 118 2.33 -26.01 -15.65
CA ALA E 118 2.96 -27.32 -15.83
C ALA E 118 4.42 -27.18 -16.20
N PHE E 119 5.21 -28.18 -15.79
CA PHE E 119 6.64 -28.21 -16.05
C PHE E 119 6.99 -29.51 -16.77
N GLN E 120 7.56 -29.39 -17.96
CA GLN E 120 7.93 -30.57 -18.76
C GLN E 120 6.72 -31.47 -19.02
N GLY E 121 5.58 -30.87 -19.30
CA GLY E 121 4.39 -31.62 -19.68
C GLY E 121 3.65 -32.26 -18.53
N LYS E 122 4.08 -31.97 -17.31
CA LYS E 122 3.45 -32.54 -16.13
C LYS E 122 3.08 -31.41 -15.17
N ASP E 123 1.90 -31.50 -14.56
CA ASP E 123 1.42 -30.47 -13.65
C ASP E 123 2.32 -30.36 -12.42
N ILE E 124 2.58 -29.14 -11.98
CA ILE E 124 3.38 -28.93 -10.78
C ILE E 124 2.67 -28.09 -9.72
N LEU E 125 1.92 -27.08 -10.15
CA LEU E 125 1.25 -26.18 -9.21
C LEU E 125 0.04 -25.47 -9.82
N SER E 126 -0.86 -25.02 -8.95
CA SER E 126 -2.06 -24.32 -9.37
C SER E 126 -2.52 -23.31 -8.32
N PHE E 127 -3.45 -22.43 -8.70
CA PHE E 127 -4.00 -21.46 -7.77
C PHE E 127 -5.29 -21.98 -7.15
N GLN E 128 -5.36 -21.93 -5.82
CA GLN E 128 -6.53 -22.44 -5.10
C GLN E 128 -6.97 -21.48 -4.02
N GLY E 129 -7.87 -20.57 -4.38
CA GLY E 129 -8.41 -19.60 -3.43
C GLY E 129 -7.36 -18.86 -2.64
N THR E 130 -6.76 -17.86 -3.26
CA THR E 130 -5.84 -16.95 -2.57
C THR E 130 -4.37 -17.40 -2.56
N SER E 131 -4.12 -18.69 -2.71
CA SER E 131 -2.75 -19.19 -2.56
C SER E 131 -2.32 -20.21 -3.61
N TRP E 132 -1.00 -20.30 -3.82
CA TRP E 132 -0.42 -21.28 -4.72
C TRP E 132 -0.31 -22.64 -4.03
N GLU E 133 -0.54 -23.71 -4.79
CA GLU E 133 -0.56 -25.06 -4.23
C GLU E 133 0.06 -26.06 -5.21
N PRO E 134 0.96 -26.91 -4.71
CA PRO E 134 1.68 -27.87 -5.54
C PRO E 134 0.92 -29.18 -5.71
N THR E 135 1.18 -29.90 -6.79
CA THR E 135 0.52 -31.17 -7.07
C THR E 135 1.01 -32.26 -6.11
N GLN E 136 0.21 -33.31 -5.96
CA GLN E 136 0.50 -34.38 -5.00
C GLN E 136 1.94 -34.85 -5.01
N GLU E 137 2.41 -35.32 -6.17
CA GLU E 137 3.78 -35.78 -6.29
C GLU E 137 4.54 -35.00 -7.36
N ALA E 138 5.10 -33.86 -6.97
CA ALA E 138 5.90 -33.04 -7.87
C ALA E 138 7.35 -33.06 -7.40
N PRO E 139 8.27 -32.64 -8.27
CA PRO E 139 9.67 -32.55 -7.86
C PRO E 139 9.77 -31.71 -6.59
N LEU E 140 10.71 -32.04 -5.71
CA LEU E 140 10.81 -31.34 -4.44
C LEU E 140 10.91 -29.83 -4.59
N TRP E 141 11.67 -29.37 -5.58
CA TRP E 141 11.89 -27.93 -5.76
C TRP E 141 10.59 -27.15 -5.90
N VAL E 142 9.62 -27.73 -6.60
CA VAL E 142 8.31 -27.10 -6.74
C VAL E 142 7.74 -26.70 -5.39
N ASN E 143 8.11 -27.44 -4.35
CA ASN E 143 7.64 -27.16 -3.01
C ASN E 143 8.26 -25.89 -2.42
N LEU E 144 9.51 -25.61 -2.79
CA LEU E 144 10.12 -24.34 -2.44
C LEU E 144 9.50 -23.24 -3.28
N ALA E 145 9.37 -23.50 -4.57
CA ALA E 145 8.76 -22.56 -5.50
C ALA E 145 7.45 -22.03 -4.93
N ILE E 146 6.62 -22.92 -4.40
CA ILE E 146 5.32 -22.55 -3.87
C ILE E 146 5.44 -21.58 -2.69
N GLN E 147 6.27 -21.93 -1.71
CA GLN E 147 6.43 -21.09 -0.54
C GLN E 147 6.95 -19.70 -0.93
N VAL E 148 7.89 -19.67 -1.87
CA VAL E 148 8.41 -18.42 -2.39
C VAL E 148 7.28 -17.61 -3.03
N LEU E 149 6.53 -18.24 -3.93
CA LEU E 149 5.42 -17.58 -4.60
C LEU E 149 4.40 -17.00 -3.63
N ASN E 150 4.01 -17.81 -2.63
CA ASN E 150 2.95 -17.41 -1.71
C ASN E 150 3.30 -16.22 -0.81
N GLN E 151 4.56 -15.81 -0.82
CA GLN E 151 4.98 -14.62 -0.09
C GLN E 151 4.50 -13.36 -0.79
N ASP E 152 4.41 -13.43 -2.11
CA ASP E 152 4.03 -12.30 -2.94
C ASP E 152 2.53 -12.02 -2.89
N LYS E 153 2.11 -11.22 -1.91
CA LYS E 153 0.69 -10.94 -1.70
C LYS E 153 0.03 -10.23 -2.88
N TRP E 154 0.75 -9.29 -3.48
CA TRP E 154 0.20 -8.53 -4.60
C TRP E 154 -0.26 -9.44 -5.73
N THR E 155 0.65 -10.26 -6.23
CA THR E 155 0.34 -11.17 -7.33
C THR E 155 -0.82 -12.09 -6.97
N ARG E 156 -0.82 -12.61 -5.75
CA ARG E 156 -1.92 -13.42 -5.26
C ARG E 156 -3.23 -12.64 -5.35
N GLU E 157 -3.21 -11.42 -4.83
CA GLU E 157 -4.36 -10.53 -4.95
C GLU E 157 -4.72 -10.32 -6.43
N THR E 158 -3.72 -9.99 -7.24
CA THR E 158 -3.93 -9.75 -8.66
C THR E 158 -4.59 -10.95 -9.35
N VAL E 159 -4.05 -12.14 -9.12
CA VAL E 159 -4.58 -13.35 -9.73
C VAL E 159 -6.02 -13.62 -9.27
N GLN E 160 -6.25 -13.51 -7.96
CA GLN E 160 -7.58 -13.72 -7.41
C GLN E 160 -8.57 -12.78 -8.10
N TRP E 161 -8.14 -11.55 -8.33
CA TRP E 161 -8.94 -10.55 -9.01
C TRP E 161 -9.23 -10.95 -10.45
N LEU E 162 -8.17 -11.29 -11.19
CA LEU E 162 -8.30 -11.68 -12.60
C LEU E 162 -9.23 -12.87 -12.78
N LEU E 163 -9.06 -13.89 -11.96
CA LEU E 163 -9.83 -15.12 -12.08
C LEU E 163 -11.28 -14.97 -11.61
N GLN E 164 -11.46 -14.34 -10.46
CA GLN E 164 -12.76 -14.29 -9.80
C GLN E 164 -13.71 -13.22 -10.35
N GLY E 165 -13.18 -12.06 -10.70
CA GLY E 165 -14.00 -10.95 -11.12
C GLY E 165 -13.90 -10.60 -12.59
N THR E 166 -12.68 -10.33 -13.05
CA THR E 166 -12.44 -9.91 -14.42
C THR E 166 -12.92 -10.94 -15.44
N CYS E 167 -12.41 -12.16 -15.33
CA CYS E 167 -12.69 -13.21 -16.32
C CYS E 167 -14.18 -13.40 -16.57
N PRO E 168 -14.97 -13.58 -15.50
CA PRO E 168 -16.42 -13.73 -15.65
C PRO E 168 -17.06 -12.55 -16.38
N GLN E 169 -16.73 -11.33 -15.96
CA GLN E 169 -17.31 -10.13 -16.53
C GLN E 169 -16.82 -9.89 -17.96
N PHE E 170 -15.58 -10.28 -18.24
CA PHE E 170 -15.01 -10.16 -19.57
C PHE E 170 -15.66 -11.15 -20.52
N VAL E 171 -15.82 -12.39 -20.06
CA VAL E 171 -16.44 -13.43 -20.85
C VAL E 171 -17.92 -13.12 -21.08
N SER E 172 -18.57 -12.58 -20.07
CA SER E 172 -19.95 -12.12 -20.22
C SER E 172 -20.02 -11.13 -21.38
N GLY E 173 -18.93 -10.38 -21.55
CA GLY E 173 -18.82 -9.42 -22.64
C GLY E 173 -18.43 -10.07 -23.94
N LEU E 174 -17.82 -11.25 -23.85
CA LEU E 174 -17.42 -12.00 -25.04
C LEU E 174 -18.56 -12.82 -25.62
N LEU E 175 -19.62 -12.98 -24.84
CA LEU E 175 -20.77 -13.78 -25.26
C LEU E 175 -21.87 -12.91 -25.87
N GLU E 176 -22.24 -11.85 -25.16
CA GLU E 176 -23.21 -10.90 -25.67
C GLU E 176 -22.71 -10.38 -27.01
N SER E 177 -21.45 -9.95 -27.02
CA SER E 177 -20.77 -9.58 -28.26
C SER E 177 -20.38 -10.85 -29.00
N GLY E 178 -20.61 -10.88 -30.31
CA GLY E 178 -20.30 -12.05 -31.10
C GLY E 178 -21.12 -13.26 -30.67
N LYS E 179 -22.31 -13.01 -30.13
CA LYS E 179 -23.21 -14.08 -29.71
C LYS E 179 -23.68 -14.88 -30.91
N SER E 180 -23.49 -14.31 -32.10
CA SER E 180 -23.95 -14.96 -33.33
C SER E 180 -22.95 -15.98 -33.86
N GLU E 181 -21.68 -15.58 -33.95
CA GLU E 181 -20.65 -16.45 -34.51
C GLU E 181 -20.47 -17.73 -33.68
N LEU E 182 -20.84 -17.66 -32.41
CA LEU E 182 -20.79 -18.84 -31.55
C LEU E 182 -21.96 -19.77 -31.85
N LYS E 183 -23.12 -19.18 -32.09
CA LYS E 183 -24.33 -19.96 -32.38
C LYS E 183 -24.38 -20.42 -33.83
N LYS E 184 -23.38 -20.00 -34.62
CA LYS E 184 -23.37 -20.29 -36.05
C LYS E 184 -23.44 -21.80 -36.35
N GLN E 185 -23.98 -22.12 -37.53
CA GLN E 185 -24.13 -23.50 -37.96
C GLN E 185 -23.58 -23.68 -39.37
N VAL E 186 -22.77 -24.72 -39.57
CA VAL E 186 -22.19 -25.00 -40.88
C VAL E 186 -22.35 -26.47 -41.26
N LYS E 187 -23.05 -26.70 -42.37
CA LYS E 187 -23.38 -28.05 -42.81
C LYS E 187 -22.19 -28.80 -43.39
N PRO E 188 -21.99 -30.05 -42.96
CA PRO E 188 -20.93 -30.95 -43.45
C PRO E 188 -21.29 -31.63 -44.78
N LYS E 189 -20.26 -32.13 -45.47
CA LYS E 189 -20.43 -32.86 -46.73
C LYS E 189 -19.65 -34.18 -46.67
N ALA E 190 -20.37 -35.30 -46.80
CA ALA E 190 -19.75 -36.62 -46.63
C ALA E 190 -19.51 -37.38 -47.93
N TRP E 191 -18.44 -38.18 -47.95
CA TRP E 191 -18.10 -39.01 -49.11
C TRP E 191 -17.56 -40.36 -48.68
N LEU E 192 -17.62 -41.34 -49.58
CA LEU E 192 -17.19 -42.70 -49.27
C LEU E 192 -15.97 -43.12 -50.10
N SER E 193 -15.21 -44.09 -49.58
CA SER E 193 -14.01 -44.57 -50.26
C SER E 193 -13.67 -46.02 -49.88
N ARG E 202 -6.92 -57.46 -44.55
CA ARG E 202 -7.03 -56.04 -44.17
C ARG E 202 -8.07 -55.33 -45.03
N LEU E 203 -9.27 -55.17 -44.48
CA LEU E 203 -10.35 -54.50 -45.20
C LEU E 203 -10.17 -52.99 -45.22
N LEU E 204 -10.68 -52.35 -46.26
CA LEU E 204 -10.63 -50.90 -46.39
C LEU E 204 -11.99 -50.36 -46.80
N LEU E 205 -12.68 -49.70 -45.87
CA LEU E 205 -14.03 -49.20 -46.14
C LEU E 205 -14.54 -48.24 -45.08
N VAL E 206 -15.36 -47.29 -45.51
CA VAL E 206 -16.25 -46.48 -44.65
C VAL E 206 -16.32 -44.97 -44.94
N CYS E 207 -16.81 -44.23 -43.95
CA CYS E 207 -17.34 -42.88 -44.14
C CYS E 207 -16.32 -41.74 -44.15
N HIS E 208 -16.78 -40.60 -44.70
CA HIS E 208 -16.05 -39.34 -44.65
C HIS E 208 -17.02 -38.23 -44.25
N VAL E 209 -16.55 -37.29 -43.43
CA VAL E 209 -17.33 -36.08 -43.13
C VAL E 209 -16.37 -34.92 -42.88
N SER E 210 -16.65 -33.77 -43.49
CA SER E 210 -15.78 -32.61 -43.35
C SER E 210 -16.51 -31.29 -43.57
N GLY E 211 -16.10 -30.27 -42.81
CA GLY E 211 -16.62 -28.93 -42.98
C GLY E 211 -17.81 -28.61 -42.08
N PHE E 212 -17.83 -29.16 -40.88
CA PHE E 212 -18.93 -28.92 -39.95
C PHE E 212 -18.56 -28.04 -38.77
N TYR E 213 -19.58 -27.50 -38.11
CA TYR E 213 -19.42 -26.62 -36.96
C TYR E 213 -20.80 -26.27 -36.42
N PRO E 214 -20.98 -26.33 -35.09
CA PRO E 214 -19.98 -26.64 -34.05
C PRO E 214 -19.38 -28.05 -34.15
N LYS E 215 -18.52 -28.38 -33.19
CA LYS E 215 -17.74 -29.62 -33.23
C LYS E 215 -18.55 -30.88 -32.88
N PRO E 216 -19.49 -30.77 -31.93
CA PRO E 216 -20.30 -31.94 -31.55
C PRO E 216 -21.00 -32.56 -32.75
N VAL E 217 -20.72 -33.83 -33.03
CA VAL E 217 -21.32 -34.52 -34.16
C VAL E 217 -21.41 -36.03 -33.93
N TRP E 218 -22.53 -36.61 -34.33
CA TRP E 218 -22.72 -38.05 -34.20
C TRP E 218 -22.79 -38.72 -35.57
N VAL E 219 -21.68 -39.32 -35.99
CA VAL E 219 -21.61 -39.96 -37.30
C VAL E 219 -21.98 -41.44 -37.20
N PRO E 233 -15.10 -44.73 -35.16
CA PRO E 233 -15.37 -43.31 -35.42
C PRO E 233 -14.10 -42.55 -35.80
N GLY E 234 -13.03 -42.78 -35.05
CA GLY E 234 -11.76 -42.12 -35.32
C GLY E 234 -11.65 -40.75 -34.66
N ASP E 235 -10.57 -40.04 -34.97
CA ASP E 235 -10.33 -38.73 -34.39
C ASP E 235 -11.09 -37.63 -35.14
N ILE E 236 -11.38 -36.54 -34.45
CA ILE E 236 -11.90 -35.33 -35.09
C ILE E 236 -10.74 -34.37 -35.33
N LEU E 237 -10.63 -33.87 -36.55
CA LEU E 237 -9.52 -33.00 -36.91
C LEU E 237 -10.02 -31.64 -37.39
N PRO E 238 -9.15 -30.62 -37.31
CA PRO E 238 -9.50 -29.25 -37.67
C PRO E 238 -9.13 -28.87 -39.10
N ASN E 239 -9.98 -28.07 -39.74
CA ASN E 239 -9.63 -27.43 -40.99
C ASN E 239 -9.27 -25.98 -40.72
N ALA E 240 -8.60 -25.34 -41.69
CA ALA E 240 -8.16 -23.96 -41.52
C ALA E 240 -9.34 -23.00 -41.34
N ASP E 241 -10.51 -23.38 -41.85
CA ASP E 241 -11.68 -22.52 -41.77
C ASP E 241 -12.45 -22.72 -40.47
N GLU E 242 -11.81 -23.32 -39.48
CA GLU E 242 -12.42 -23.51 -38.17
C GLU E 242 -13.58 -24.50 -38.22
N THR E 243 -13.54 -25.40 -39.20
CA THR E 243 -14.48 -26.51 -39.26
C THR E 243 -13.72 -27.81 -39.05
N TRP E 244 -14.42 -28.93 -38.92
CA TRP E 244 -13.78 -30.18 -38.56
C TRP E 244 -13.98 -31.30 -39.59
N TYR E 245 -13.04 -32.24 -39.61
CA TYR E 245 -13.13 -33.40 -40.48
C TYR E 245 -13.28 -34.67 -39.65
N LEU E 246 -13.72 -35.75 -40.30
CA LEU E 246 -13.87 -37.03 -39.63
C LEU E 246 -13.86 -38.15 -40.66
N ARG E 247 -13.46 -39.35 -40.24
CA ARG E 247 -13.35 -40.49 -41.14
C ARG E 247 -13.88 -41.76 -40.49
N VAL E 264 -25.42 -39.92 -40.10
CA VAL E 264 -24.56 -38.89 -39.55
C VAL E 264 -25.40 -37.70 -39.07
N LYS E 265 -25.51 -37.54 -37.75
CA LYS E 265 -26.32 -36.48 -37.17
C LYS E 265 -25.47 -35.38 -36.56
N HIS E 266 -25.55 -34.20 -37.14
CA HIS E 266 -24.76 -33.05 -36.68
C HIS E 266 -25.67 -31.89 -36.31
N SER E 267 -26.98 -32.11 -36.38
CA SER E 267 -27.95 -31.05 -36.14
C SER E 267 -27.47 -29.76 -36.79
N SER E 268 -27.00 -29.88 -38.02
CA SER E 268 -26.36 -28.75 -38.69
C SER E 268 -27.34 -27.77 -39.36
N LEU E 269 -28.35 -28.24 -40.12
CA LEU E 269 -28.64 -29.66 -40.40
C LEU E 269 -29.55 -30.35 -39.39
N GLU E 270 -30.24 -29.55 -38.56
CA GLU E 270 -31.15 -30.09 -37.56
C GLU E 270 -32.37 -30.73 -38.20
N GLN E 272 -33.36 -33.33 -40.28
CA GLN E 272 -32.65 -33.86 -41.43
C GLN E 272 -31.40 -34.61 -40.99
N ASP E 273 -30.90 -35.48 -41.88
CA ASP E 273 -29.68 -36.24 -41.63
C ASP E 273 -29.03 -36.62 -42.95
N ILE E 274 -27.70 -36.65 -42.95
CA ILE E 274 -26.96 -37.10 -44.13
C ILE E 274 -26.83 -38.62 -44.09
N VAL E 275 -27.35 -39.29 -45.11
CA VAL E 275 -27.35 -40.75 -45.15
C VAL E 275 -26.58 -41.27 -46.36
N LEU E 276 -25.77 -42.30 -46.16
CA LEU E 276 -24.98 -42.88 -47.23
C LEU E 276 -25.13 -44.40 -47.28
N TYR E 277 -25.20 -44.94 -48.49
CA TYR E 277 -25.37 -46.39 -48.68
C TYR E 277 -24.28 -46.98 -49.58
N TRP E 278 -24.10 -46.37 -50.75
CA TRP E 278 -23.12 -46.84 -51.73
C TRP E 278 -23.78 -47.65 -52.85
N GLN F 5 9.70 -36.95 -24.04
CA GLN F 5 8.58 -37.48 -23.28
C GLN F 5 7.52 -38.13 -24.19
N ARG F 6 7.11 -37.42 -25.22
CA ARG F 6 6.03 -37.90 -26.09
C ARG F 6 6.32 -37.73 -27.58
N THR F 7 5.84 -38.66 -28.38
CA THR F 7 6.06 -38.66 -29.81
C THR F 7 4.79 -38.30 -30.60
N PRO F 8 4.94 -37.45 -31.62
CA PRO F 8 3.83 -36.85 -32.37
C PRO F 8 3.05 -37.84 -33.24
N LYS F 9 1.73 -37.68 -33.25
CA LYS F 9 0.87 -38.41 -34.18
C LYS F 9 0.63 -37.58 -35.43
N ILE F 10 1.15 -38.06 -36.56
CA ILE F 10 1.01 -37.35 -37.83
C ILE F 10 -0.18 -37.89 -38.62
N GLN F 11 -1.08 -36.99 -39.03
CA GLN F 11 -2.28 -37.38 -39.76
C GLN F 11 -2.50 -36.45 -40.96
N VAL F 12 -2.59 -37.03 -42.15
CA VAL F 12 -2.73 -36.24 -43.37
C VAL F 12 -4.12 -36.38 -43.99
N TYR F 13 -4.71 -35.25 -44.38
CA TYR F 13 -6.02 -35.24 -45.01
C TYR F 13 -6.19 -34.03 -45.93
N SER F 14 -7.40 -33.86 -46.45
CA SER F 14 -7.70 -32.75 -47.35
C SER F 14 -9.02 -32.09 -46.95
N ARG F 15 -9.13 -30.79 -47.24
CA ARG F 15 -10.34 -30.03 -46.93
C ARG F 15 -11.56 -30.73 -47.50
N HIS F 16 -11.55 -30.93 -48.82
CA HIS F 16 -12.61 -31.65 -49.50
C HIS F 16 -12.03 -32.86 -50.21
N PRO F 17 -12.90 -33.75 -50.70
CA PRO F 17 -12.44 -34.91 -51.49
C PRO F 17 -11.97 -34.47 -52.87
N ALA F 18 -10.78 -34.94 -53.27
CA ALA F 18 -10.21 -34.57 -54.56
C ALA F 18 -10.55 -35.59 -55.64
N ASN F 20 -9.05 -35.51 -59.04
CA ASN F 20 -7.91 -35.05 -59.82
C ASN F 20 -8.18 -33.73 -60.54
N GLY F 21 -7.22 -32.81 -60.43
CA GLY F 21 -7.33 -31.52 -61.09
C GLY F 21 -8.34 -30.61 -60.42
N SER F 23 -9.06 -27.89 -57.85
CA SER F 23 -8.37 -27.16 -56.78
C SER F 23 -8.81 -27.71 -55.42
N ASN F 24 -7.90 -27.66 -54.45
CA ASN F 24 -8.15 -28.26 -53.15
C ASN F 24 -7.29 -27.66 -52.02
N PHE F 25 -7.40 -28.25 -50.84
CA PHE F 25 -6.65 -27.81 -49.66
C PHE F 25 -6.00 -29.02 -48.98
N LEU F 26 -4.79 -28.85 -48.49
CA LEU F 26 -4.05 -29.95 -47.85
C LEU F 26 -3.82 -29.74 -46.35
N ASN F 27 -4.31 -30.67 -45.55
CA ASN F 27 -4.20 -30.55 -44.09
C ASN F 27 -3.29 -31.58 -43.45
N CYS F 28 -2.26 -31.11 -42.75
CA CYS F 28 -1.37 -31.98 -41.97
C CYS F 28 -1.44 -31.57 -40.51
N TYR F 29 -1.98 -32.48 -39.68
CA TYR F 29 -2.24 -32.17 -38.27
C TYR F 29 -1.36 -32.97 -37.32
N VAL F 30 -0.30 -32.34 -36.84
CA VAL F 30 0.59 -32.96 -35.87
C VAL F 30 0.06 -32.73 -34.47
N SER F 31 0.09 -33.76 -33.63
CA SER F 31 -0.50 -33.67 -32.30
C SER F 31 0.16 -34.57 -31.26
N GLY F 32 0.07 -34.15 -30.00
CA GLY F 32 0.47 -34.98 -28.88
C GLY F 32 1.96 -35.12 -28.63
N PHE F 33 2.76 -34.21 -29.20
CA PHE F 33 4.20 -34.26 -29.00
C PHE F 33 4.63 -33.38 -27.83
N HIS F 34 5.85 -33.62 -27.35
CA HIS F 34 6.42 -32.84 -26.26
C HIS F 34 7.88 -33.23 -26.08
N PRO F 35 8.78 -32.24 -25.99
CA PRO F 35 8.47 -30.81 -25.95
C PRO F 35 7.86 -30.26 -27.25
N SER F 36 7.71 -28.94 -27.31
CA SER F 36 7.04 -28.28 -28.43
C SER F 36 7.97 -28.02 -29.60
N ASP F 37 9.28 -28.10 -29.35
CA ASP F 37 10.26 -27.90 -30.40
C ASP F 37 10.06 -28.94 -31.51
N ILE F 38 9.80 -28.48 -32.73
CA ILE F 38 9.52 -29.39 -33.82
C ILE F 38 9.80 -28.78 -35.19
N VAL F 40 8.55 -28.91 -39.34
CA VAL F 40 7.52 -29.49 -40.19
C VAL F 40 7.60 -28.98 -41.64
N ASP F 41 7.64 -29.93 -42.57
CA ASP F 41 7.63 -29.60 -43.99
C ASP F 41 6.52 -30.37 -44.69
N LEU F 42 5.96 -29.77 -45.73
CA LEU F 42 4.86 -30.39 -46.47
C LEU F 42 5.35 -31.04 -47.77
N ASN F 45 6.32 -33.83 -53.56
CA ASN F 45 6.82 -35.12 -54.03
C ASN F 45 8.08 -35.55 -53.31
N GLU F 47 9.50 -32.90 -52.44
CA GLU F 47 9.99 -31.53 -52.54
C GLU F 47 9.25 -30.61 -51.57
N ARG F 48 10.02 -29.86 -50.78
CA ARG F 48 9.44 -28.92 -49.82
C ARG F 48 8.60 -27.86 -50.53
N ILE F 49 7.61 -27.32 -49.84
CA ILE F 49 6.71 -26.33 -50.41
C ILE F 49 6.86 -24.97 -49.72
N GLU F 50 6.86 -23.91 -50.52
CA GLU F 50 7.13 -22.57 -50.01
C GLU F 50 5.89 -21.87 -49.45
N LYS F 51 4.76 -22.00 -50.14
CA LYS F 51 3.56 -21.23 -49.79
C LYS F 51 2.79 -21.79 -48.59
N VAL F 52 3.34 -22.80 -47.94
CA VAL F 52 2.66 -23.44 -46.81
C VAL F 52 2.36 -22.47 -45.67
N GLU F 53 1.29 -22.74 -44.94
CA GLU F 53 0.91 -21.96 -43.76
C GLU F 53 0.60 -22.87 -42.59
N HIS F 54 0.57 -22.30 -41.38
CA HIS F 54 0.22 -23.07 -40.19
C HIS F 54 -0.47 -22.19 -39.15
N SER F 55 -1.28 -22.82 -38.30
CA SER F 55 -1.97 -22.11 -37.24
C SER F 55 -1.08 -21.95 -36.02
N ASP F 56 -1.51 -21.14 -35.06
CA ASP F 56 -0.75 -20.97 -33.83
C ASP F 56 -0.61 -22.29 -33.10
N LEU F 57 0.55 -22.50 -32.49
CA LEU F 57 0.80 -23.71 -31.73
C LEU F 57 -0.02 -23.72 -30.45
N SER F 58 -0.69 -24.83 -30.18
CA SER F 58 -1.51 -24.96 -28.98
C SER F 58 -1.24 -26.29 -28.30
N PHE F 59 -1.95 -26.57 -27.21
CA PHE F 59 -1.84 -27.85 -26.54
C PHE F 59 -3.16 -28.25 -25.87
N SER F 60 -3.26 -29.51 -25.49
CA SER F 60 -4.50 -30.05 -24.96
C SER F 60 -4.51 -30.13 -23.43
N LYS F 61 -5.59 -30.66 -22.89
CA LYS F 61 -5.78 -30.80 -21.45
C LYS F 61 -4.59 -31.53 -20.84
N ASP F 62 -4.03 -32.48 -21.59
CA ASP F 62 -2.90 -33.28 -21.11
C ASP F 62 -1.57 -32.64 -21.49
N TRP F 63 -1.59 -31.33 -21.75
CA TRP F 63 -0.37 -30.55 -22.00
C TRP F 63 0.37 -30.89 -23.31
N SER F 64 -0.12 -31.86 -24.06
CA SER F 64 0.52 -32.22 -25.32
C SER F 64 0.18 -31.21 -26.43
N PHE F 65 1.16 -30.91 -27.28
CA PHE F 65 1.01 -29.88 -28.30
C PHE F 65 0.38 -30.39 -29.58
N TYR F 66 -0.44 -29.57 -30.21
CA TYR F 66 -0.99 -29.87 -31.53
C TYR F 66 -0.83 -28.70 -32.50
N LEU F 67 -0.36 -29.00 -33.70
CA LEU F 67 -0.15 -27.98 -34.73
C LEU F 67 -0.80 -28.36 -36.05
N LEU F 68 -1.47 -27.39 -36.68
CA LEU F 68 -2.05 -27.60 -37.99
C LEU F 68 -1.29 -26.81 -39.05
N TYR F 69 -0.88 -27.50 -40.11
CA TYR F 69 -0.23 -26.87 -41.24
C TYR F 69 -1.09 -27.05 -42.49
N TYR F 70 -1.22 -26.00 -43.30
CA TYR F 70 -2.08 -26.05 -44.46
C TYR F 70 -1.57 -25.15 -45.58
N PHE F 73 -3.57 -26.61 -52.78
CA PHE F 73 -2.96 -27.36 -53.87
C PHE F 73 -4.00 -27.88 -54.86
N THR F 74 -3.54 -28.49 -55.95
CA THR F 74 -4.43 -29.13 -56.89
C THR F 74 -4.00 -30.59 -57.08
N PRO F 75 -4.91 -31.53 -56.79
CA PRO F 75 -4.63 -32.97 -56.80
C PRO F 75 -4.53 -33.56 -58.21
N THR F 76 -3.61 -34.52 -58.37
CA THR F 76 -3.43 -35.21 -59.65
C THR F 76 -3.03 -36.66 -59.39
N GLU F 77 -3.27 -37.52 -60.38
CA GLU F 77 -2.93 -38.93 -60.27
C GLU F 77 -1.42 -39.14 -60.24
N LYS F 78 -0.71 -38.34 -61.03
CA LYS F 78 0.75 -38.42 -61.09
C LYS F 78 1.38 -37.78 -59.87
N CYS F 83 3.87 -35.59 -45.99
CA CYS F 83 4.12 -34.72 -44.84
C CYS F 83 5.26 -35.24 -43.98
N ARG F 84 6.27 -34.42 -43.78
CA ARG F 84 7.44 -34.80 -42.99
C ARG F 84 7.55 -33.97 -41.73
N VAL F 85 8.07 -34.58 -40.67
CA VAL F 85 8.21 -33.91 -39.38
C VAL F 85 9.56 -34.22 -38.73
N HIS F 87 11.23 -34.14 -35.25
CA HIS F 87 11.10 -34.01 -33.81
C HIS F 87 12.27 -34.68 -33.09
N VAL F 88 12.42 -34.39 -31.80
CA VAL F 88 13.53 -34.91 -31.01
C VAL F 88 13.33 -36.37 -30.61
N THR F 89 12.08 -36.84 -30.72
CA THR F 89 11.76 -38.22 -30.35
C THR F 89 11.85 -39.15 -31.56
N LEU F 90 12.15 -38.59 -32.72
CA LEU F 90 12.27 -39.37 -33.95
C LEU F 90 13.72 -39.63 -34.31
N SER F 91 14.07 -40.90 -34.50
CA SER F 91 15.41 -41.27 -34.94
C SER F 91 15.74 -40.55 -36.23
N GLN F 92 14.88 -40.73 -37.23
CA GLN F 92 14.99 -40.01 -38.48
C GLN F 92 13.65 -39.35 -38.78
N PRO F 93 13.67 -38.21 -39.49
CA PRO F 93 12.44 -37.49 -39.85
C PRO F 93 11.38 -38.44 -40.39
N LYS F 94 10.16 -38.34 -39.86
CA LYS F 94 9.08 -39.26 -40.23
C LYS F 94 8.21 -38.67 -41.34
N ILE F 95 7.75 -39.54 -42.23
CA ILE F 95 6.90 -39.13 -43.35
C ILE F 95 5.60 -39.93 -43.38
N VAL F 96 4.54 -39.30 -43.89
CA VAL F 96 3.25 -39.97 -44.02
C VAL F 96 2.54 -39.58 -45.30
N LYS F 97 2.02 -40.56 -46.02
CA LYS F 97 1.39 -40.33 -47.32
C LYS F 97 -0.09 -39.99 -47.22
N TRP F 98 -0.62 -39.40 -48.30
CA TRP F 98 -2.00 -38.92 -48.33
C TRP F 98 -2.99 -40.02 -48.73
N ASP F 99 -4.11 -40.07 -48.03
CA ASP F 99 -5.15 -41.06 -48.29
C ASP F 99 -6.03 -40.66 -49.47
C1 NAG G . 39.56 -9.77 6.50
C2 NAG G . 40.68 -10.83 6.59
C3 NAG G . 42.14 -10.35 6.68
C4 NAG G . 42.31 -8.92 6.18
C5 NAG G . 41.25 -8.02 6.76
C6 NAG G . 41.47 -6.59 6.31
C7 NAG G . 40.77 -13.02 7.67
C8 NAG G . 41.31 -13.61 8.94
N2 NAG G . 40.41 -11.74 7.70
O3 NAG G . 42.88 -11.13 5.79
O4 NAG G . 43.68 -8.49 6.25
O5 NAG G . 40.04 -8.47 6.18
O6 NAG G . 40.39 -5.78 6.68
O7 NAG G . 40.67 -13.72 6.65
C1 FUC G . 44.07 -11.78 6.34
C2 FUC G . 45.20 -10.81 6.69
C3 FUC G . 46.46 -11.60 6.48
C4 FUC G . 46.16 -13.08 6.70
C5 FUC G . 45.09 -13.29 7.78
C6 FUC G . 44.82 -14.78 7.97
O2 FUC G . 45.11 -10.43 8.04
O3 FUC G . 46.93 -11.42 5.16
O4 FUC G . 45.72 -13.67 5.50
O5 FUC G . 43.87 -12.66 7.42
C1 NAG G . 44.30 -7.66 7.29
C2 NAG G . 44.61 -6.26 6.76
C3 NAG G . 44.36 -5.18 7.80
C4 NAG G . 45.07 -5.58 9.08
C5 NAG G . 44.81 -7.04 9.40
C6 NAG G . 44.56 -7.22 10.90
C7 NAG G . 46.45 -5.96 5.17
C8 NAG G . 45.64 -6.51 4.03
N2 NAG G . 46.01 -6.23 6.39
O3 NAG G . 42.98 -5.03 8.05
O4 NAG G . 46.46 -5.36 8.92
O5 NAG G . 43.76 -7.57 8.59
O6 NAG G . 45.80 -7.06 11.58
O7 NAG G . 47.44 -5.28 4.95
C1 FUC G . 40.28 -4.67 5.76
C2 FUC G . 39.19 -4.94 4.72
C3 FUC G . 38.53 -3.63 4.35
C4 FUC G . 39.63 -2.60 4.23
C5 FUC G . 40.16 -2.31 5.62
C6 FUC G . 41.65 -1.91 5.56
O2 FUC G . 38.25 -5.83 5.27
O3 FUC G . 37.84 -3.75 3.12
O4 FUC G . 40.66 -3.13 3.44
O5 FUC G . 39.98 -3.46 6.43
C1 NAG H . -33.42 -10.43 29.31
C2 NAG H . -34.73 -10.51 30.08
C3 NAG H . -35.91 -9.97 29.28
C4 NAG H . -35.56 -8.65 28.57
C5 NAG H . -34.13 -8.60 28.02
C6 NAG H . -33.72 -7.17 27.68
C7 NAG H . -36.03 -12.59 30.14
C8 NAG H . -35.77 -13.85 29.37
N2 NAG H . -34.96 -11.88 30.51
O3 NAG H . -37.01 -9.91 30.16
O4 NAG H . -36.44 -8.51 27.48
O5 NAG H . -33.18 -9.10 28.94
O6 NAG H . -34.80 -6.32 27.94
O7 NAG H . -37.18 -12.25 30.41
C1 FUC H . -37.96 -8.80 30.19
C2 FUC H . -38.03 -8.17 31.59
C3 FUC H . -37.14 -6.96 31.77
C4 FUC H . -37.46 -5.97 30.67
C5 FUC H . -37.30 -6.60 29.30
C6 FUC H . -37.82 -5.65 28.23
O2 FUC H . -37.66 -9.15 32.54
O3 FUC H . -37.38 -6.37 33.02
O4 FUC H . -38.78 -5.51 30.82
O5 FUC H . -37.99 -7.84 29.14
C1 FUC H . -34.48 -4.90 28.02
C2 FUC H . -33.96 -4.47 29.39
C3 FUC H . -32.45 -4.29 29.47
C4 FUC H . -31.98 -3.49 28.27
C5 FUC H . -32.35 -4.26 27.01
C6 FUC H . -31.82 -3.52 25.78
O2 FUC H . -34.33 -5.44 30.34
O3 FUC H . -32.13 -3.59 30.64
O4 FUC H . -32.62 -2.24 28.26
O5 FUC H . -33.76 -4.38 26.91
C1 NAG I . 21.40 -20.94 -26.60
C2 NAG I . 22.82 -20.50 -26.92
C3 NAG I . 22.93 -19.83 -28.30
C4 NAG I . 22.14 -20.59 -29.37
C5 NAG I . 20.73 -20.86 -28.87
C6 NAG I . 19.89 -21.65 -29.86
C7 NAG I . 24.27 -18.73 -26.00
C8 NAG I . 24.29 -17.59 -25.03
N2 NAG I . 23.28 -19.61 -25.86
O3 NAG I . 24.28 -19.74 -28.69
O4 NAG I . 22.12 -19.85 -30.56
O5 NAG I . 20.80 -21.62 -27.67
O6 NAG I . 19.70 -22.95 -29.32
O7 NAG I . 25.16 -18.83 -26.85
C1 FUC I . 18.64 -23.71 -29.96
C2 FUC I . 17.53 -22.88 -30.60
C3 FUC I . 16.59 -23.82 -31.34
C4 FUC I . 16.84 -25.27 -30.92
C5 FUC I . 18.30 -25.69 -31.13
C6 FUC I . 18.70 -26.79 -30.16
O2 FUC I . 18.08 -21.99 -31.53
O3 FUC I . 15.25 -23.49 -31.10
O4 FUC I . 16.49 -25.44 -29.56
O5 FUC I . 19.14 -24.58 -30.94
C1 LSC J . 23.14 -11.84 3.83
C2 LSC J . 21.63 -12.03 3.93
C3 LSC J . 21.11 -11.52 5.27
C4 LSC J . 19.61 -11.74 5.37
C5 LSC J . 19.18 -11.81 6.83
C6 LSC J . 18.57 -10.51 7.32
C7 LSC J . 17.93 -10.77 8.68
C8 LSC J . 17.37 -9.52 9.35
C9 LSC J . 16.56 -10.01 10.53
C10 LSC J . 17.09 -9.95 11.75
C11 LSC J . 16.32 -10.44 12.94
C12 LSC J . 17.31 -10.90 14.01
C13 LSC J . 18.19 -12.04 13.49
C14 LSC J . 19.19 -12.50 14.53
C15 LSC J . 18.75 -13.80 15.20
C16 LSC J . 17.90 -13.52 16.43
C17 LSC J . 17.70 -12.01 16.64
C18 LSC J . 17.06 -11.79 17.99
O19 LSC J . 17.15 -12.86 18.98
C20 LSC J . 18.43 -13.34 19.39
C21 LSC J . 18.26 -14.80 19.76
C22 LSC J . 19.30 -15.23 20.78
O23 LSC J . 20.24 -16.15 20.23
P24 LSC J . 19.83 -17.60 19.67
O25 LSC J . 19.48 -17.43 18.22
C30 LSC J . 17.91 -17.30 21.52
C31 LSC J . 16.41 -17.58 21.61
N32 LSC J . 16.15 -18.86 22.25
O32 LSC J . 16.47 -10.76 18.27
C33 LSC J . 17.21 -19.83 21.93
O33 LSC J . 18.33 -15.62 18.58
C34 LSC J . 14.86 -19.39 21.76
O34 LSC J . 20.93 -18.58 20.03
C35 LSC J . 16.08 -18.67 23.71
O35 LSC J . 18.49 -18.06 20.46
C1 HEX K . 14.52 -0.41 23.22
C2 HEX K . 13.41 -0.34 22.18
C3 HEX K . 13.83 -1.01 20.87
C4 HEX K . 12.82 -0.71 19.77
C5 HEX K . 13.35 -1.16 18.41
C6 HEX K . 13.54 -2.66 18.36
S SO4 L . 2.57 -18.75 11.41
O1 SO4 L . 2.45 -17.99 10.17
O2 SO4 L . 3.14 -17.91 12.46
O3 SO4 L . 3.42 -19.92 11.20
O4 SO4 L . 1.24 -19.18 11.84
S SO4 M . 5.94 -0.03 7.12
O1 SO4 M . 6.19 -0.52 5.77
O2 SO4 M . 6.71 1.18 7.34
O3 SO4 M . 6.32 -1.05 8.09
O4 SO4 M . 4.52 0.26 7.29
S SO4 N . 33.46 -14.45 -1.10
O1 SO4 N . 33.69 -13.93 -2.44
O2 SO4 N . 32.34 -13.74 -0.49
O3 SO4 N . 34.65 -14.25 -0.29
O4 SO4 N . 33.16 -15.88 -1.17
C1 GOL O . 17.70 20.77 21.20
O1 GOL O . 16.49 21.31 20.71
C2 GOL O . 18.87 21.40 20.46
O2 GOL O . 19.87 21.77 21.39
C3 GOL O . 18.39 22.63 19.70
O3 GOL O . 19.48 23.27 19.07
C1 GOL P . 25.46 23.83 -0.87
O1 GOL P . 26.24 22.69 -1.16
C2 GOL P . 24.16 23.40 -0.20
O2 GOL P . 23.28 22.86 -1.16
C3 GOL P . 23.52 24.60 0.50
O3 GOL P . 22.30 24.21 1.09
C1 UND Q . 17.37 1.98 23.02
C2 UND Q . 18.27 2.66 22.00
C3 UND Q . 19.40 1.75 21.57
C4 UND Q . 19.46 1.66 20.05
C5 UND Q . 20.73 0.93 19.59
C6 UND Q . 20.67 0.61 18.11
C7 UND Q . 19.85 -0.65 17.85
C8 UND Q . 19.51 -0.79 16.36
C9 UND Q . 19.03 -2.19 16.02
C10 UND Q . 17.57 -2.39 16.43
C11 UND Q . 17.18 -3.85 16.35
C1 GOL R . 41.74 29.56 15.07
O1 GOL R . 40.87 29.17 16.12
C2 GOL R . 42.13 28.34 14.24
O2 GOL R . 43.26 27.70 14.80
C3 GOL R . 42.46 28.77 12.82
O3 GOL R . 43.35 27.84 12.25
C1 GOL S . 16.54 11.28 2.94
O1 GOL S . 16.31 10.09 2.22
C2 GOL S . 15.61 11.32 4.16
O2 GOL S . 14.75 12.42 4.05
C3 GOL S . 16.45 11.48 5.41
O3 GOL S . 15.62 11.41 6.54
C1 LSC T . -16.60 -14.45 22.38
C2 LSC T . -16.49 -15.46 21.25
C3 LSC T . -15.45 -15.06 20.20
C4 LSC T . -16.11 -14.41 18.99
C5 LSC T . -15.20 -14.46 17.76
C6 LSC T . -15.87 -13.81 16.56
C7 LSC T . -15.29 -14.30 15.24
C8 LSC T . -16.14 -13.78 14.08
C9 LSC T . -15.77 -14.49 12.80
C10 LSC T . -16.54 -14.31 11.72
C11 LSC T . -16.23 -14.99 10.40
C12 LSC T . -17.41 -14.83 9.46
C13 LSC T . -17.21 -15.64 8.18
C14 LSC T . -18.54 -15.86 7.47
C15 LSC T . -18.97 -17.33 7.53
C16 LSC T . -19.72 -17.67 8.81
C17 LSC T . -18.79 -17.96 9.97
C18 LSC T . -19.52 -18.80 11.00
O19 LSC T . -20.45 -19.81 10.52
C20 LSC T . -20.30 -21.18 10.86
C21 LSC T . -20.24 -21.93 9.54
C22 LSC T . -20.74 -23.37 9.66
O23 LSC T . -20.75 -23.92 8.35
P24 LSC T . -22.14 -24.17 7.60
O25 LSC T . -22.45 -25.64 7.64
C30 LSC T . -21.64 -24.78 5.07
C31 LSC T . -20.28 -24.65 4.37
N32 LSC T . -20.14 -25.76 3.43
O32 LSC T . -19.35 -18.64 12.20
C33 LSC T . -18.90 -26.50 3.73
O33 LSC T . -18.89 -21.94 9.06
C34 LSC T . -20.06 -25.23 2.06
O34 LSC T . -23.12 -23.15 8.10
C35 LSC T . -21.29 -26.66 3.53
O35 LSC T . -21.76 -23.77 6.08
S SO4 U . -13.27 41.78 34.51
O1 SO4 U . -14.42 42.07 33.68
O2 SO4 U . -13.19 42.78 35.58
O3 SO4 U . -12.05 41.83 33.71
O4 SO4 U . -13.40 40.45 35.11
S SO4 V . -5.82 22.95 13.73
O1 SO4 V . -6.34 23.40 12.45
O2 SO4 V . -6.04 23.97 14.74
O3 SO4 V . -4.37 22.71 13.60
O4 SO4 V . -6.49 21.71 14.11
S SO4 W . 2.97 33.85 21.08
O1 SO4 W . 1.57 33.47 20.85
O2 SO4 W . 3.03 35.24 21.50
O3 SO4 W . 3.74 33.68 19.84
O4 SO4 W . 3.53 32.99 22.11
C1 GOL X . -5.99 35.91 3.18
O1 GOL X . -7.17 36.20 2.46
C2 GOL X . -4.87 36.83 2.69
O2 GOL X . -3.69 36.07 2.48
C3 GOL X . -4.58 37.88 3.75
O3 GOL X . -5.81 38.47 4.13
S SO4 Y . -16.81 21.00 25.46
O1 SO4 Y . -17.08 21.21 24.03
O2 SO4 Y . -16.34 22.25 26.05
O3 SO4 Y . -15.79 19.98 25.63
O4 SO4 Y . -18.04 20.57 26.12
S SO4 Z . -29.34 3.18 30.83
O1 SO4 Z . -30.71 3.47 30.43
O2 SO4 Z . -28.78 4.34 31.52
O3 SO4 Z . -28.54 2.89 29.65
O4 SO4 Z . -29.32 2.03 31.73
S SO4 AA . -38.54 25.33 18.05
O1 SO4 AA . -38.86 25.30 16.63
O2 SO4 AA . -38.91 26.63 18.61
O3 SO4 AA . -37.10 25.14 18.21
O4 SO4 AA . -39.25 24.27 18.75
C1 GOL BA . -29.32 39.02 16.92
O1 GOL BA . -28.72 37.82 16.48
C2 GOL BA . -30.72 38.72 17.43
O2 GOL BA . -30.81 37.36 17.79
C3 GOL BA . -31.03 39.60 18.64
O3 GOL BA . -32.42 39.59 18.90
S SO4 CA . -39.89 13.61 29.29
O1 SO4 CA . -40.91 14.46 28.70
O2 SO4 CA . -39.23 14.31 30.38
O3 SO4 CA . -38.91 13.24 28.28
O4 SO4 CA . -40.52 12.39 29.81
C1 GOL DA . -10.05 6.95 14.96
O1 GOL DA . -9.37 7.57 16.03
C2 GOL DA . -11.55 7.10 15.17
O2 GOL DA . -11.82 8.33 15.80
C3 GOL DA . -12.26 7.04 13.82
O3 GOL DA . -13.65 6.97 14.03
C1 NBU EA . 5.12 -14.03 -7.48
C2 NBU EA . 6.56 -13.71 -7.82
C3 NBU EA . 7.49 -14.00 -6.65
C4 NBU EA . 8.94 -13.87 -7.06
S SO4 FA . -8.74 -31.90 -24.78
O1 SO4 FA . -9.42 -30.61 -24.76
O2 SO4 FA . -7.37 -31.75 -24.28
O3 SO4 FA . -8.69 -32.41 -26.15
O4 SO4 FA . -9.47 -32.85 -23.93
#